data_4LEO
#
_entry.id   4LEO
#
_cell.length_a   54.458
_cell.length_b   59.359
_cell.length_c   103.661
_cell.angle_alpha   97.64
_cell.angle_beta   106.85
_cell.angle_gamma   96.83
#
_symmetry.space_group_name_H-M   'P 1'
#
loop_
_entity.id
_entity.type
_entity.pdbx_description
1 polymer 'RG7116 Fab heavy chain'
2 polymer 'RG7116 Fab light chain'
3 polymer 'Receptor tyrosine-protein kinase erbB-3'
4 branched 2-acetamido-2-deoxy-beta-D-glucopyranose-(1-4)-2-acetamido-2-deoxy-beta-D-glucopyranose
5 non-polymer 2-acetamido-2-deoxy-beta-D-glucopyranose
6 water water
#
loop_
_entity_poly.entity_id
_entity_poly.type
_entity_poly.pdbx_seq_one_letter_code
_entity_poly.pdbx_strand_id
1 'polypeptide(L)'
;QVQLVQSGAEVKKPGASVKVSCKASGYTFRSSYISWVRQAPGQGLEWMGWIYAGTGSPSYNQKLQGRVTMTTDTSTSTAY
MELRSLRSDDTAVYYCARHRDYYSNSLTYWGQGTLVTVSSASTKGPSVFPLAPSSKSTSGGTAALGCLVKDYFPEPVTVS
WNSGALTSGVHTFPAVLQSSGLYSLSSVVTVPSSSLGTQTYICNVNHKPSNTKVDKKVEPKSCDKTH
;
A
2 'polypeptide(L)'
;DIVMTQSPDSLAVSLGERATINCKSSQSVLNSGNQKNYLTWYQQKPGQPPKLLIYWASTRESGVPDRFSGSGSGTDFTLT
ISSLQAEDVAVYYCQSDYSYPYTFGQGTKLEIKRTVAAPSVFIFPPSDEQLKSGTASVVCLLNNFYPREAKVQWKVDNAL
QSGNSQESVTEQDSKDSTYSLSSTLTLSKADYEKHKVYACEVTHQGLSSPVTKSFNRGEC
;
B
3 'polypeptide(L)'
;SEVGNSQAVCPGTLNGLSVTGDAENQYQTLYKLYERCEVVMGNLEIVLTGHNADLSFLQWIREVTGYVLVAMNEFSTLPL
PNLRVVRGTQVYDGKFAIFVMLNYNTNSSHALRQLRLTQLTEILSGGVYIEKNDKLCHMDTIDWRDIVRDRDAEIVVKDN
GRSCPPCHEVCKGRCWGPGSEDCQTLTKTICAPQCNGHCFGPNPNQCCHDECAGGCSGPQDTDCFACRHFNDSGACVPRC
PQPLVYNKLTFQLEPNPHTKYQYGGVCVASCPHNFVVDQTSCVRACPPDKMEVDKNGLKMCEPCGGLCPKACEGTGSGSR
FQTVDSSNIDGFVNCTKILGNLDFLITGLNGDPWHKIPALDPEKLNVFRTVREITGYLNIQSWPPHMHNFSVFSNLTTIG
GRSLYNRGFSLLIMKNLNVTSLGFRSLKEISAGRIYISANRQLCYHHSLNWTKVLRGPTEERLDIKHNRPRRDCVAEGKV
CDPLCSSGGCWGPGPGQCLSCRNYSRGGVCVTHCNFLNGEPREFAHEAECFSCHPECQPMEGTATCNGSGSDTCAQCAHF
RDGPHCVSSCPHGVLGAKGPIYKYPDVQNECRPCHENCTQGCKGPELQDCLGAAALEVLFQ
;
C
#
loop_
_chem_comp.id
_chem_comp.type
_chem_comp.name
_chem_comp.formula
NAG D-saccharide, beta linking 2-acetamido-2-deoxy-beta-D-glucopyranose 'C8 H15 N O6'
#
# COMPACT_ATOMS: atom_id res chain seq x y z
N GLN A 1 13.64 -3.55 -17.73
CA GLN A 1 12.71 -3.82 -16.65
C GLN A 1 13.39 -4.57 -15.49
N VAL A 2 12.66 -5.49 -14.88
CA VAL A 2 13.18 -6.25 -13.74
C VAL A 2 14.30 -7.21 -14.16
N GLN A 3 15.49 -7.00 -13.59
CA GLN A 3 16.64 -7.82 -13.91
C GLN A 3 17.38 -8.30 -12.66
N LEU A 4 18.05 -9.44 -12.79
CA LEU A 4 18.84 -10.01 -11.70
C LEU A 4 20.13 -10.60 -12.25
N VAL A 5 21.22 -9.84 -12.12
CA VAL A 5 22.51 -10.26 -12.68
C VAL A 5 23.43 -10.83 -11.63
N GLN A 6 23.83 -12.09 -11.81
CA GLN A 6 24.70 -12.78 -10.86
C GLN A 6 26.17 -12.65 -11.23
N SER A 7 27.05 -13.05 -10.31
CA SER A 7 28.48 -12.98 -10.56
C SER A 7 28.95 -14.12 -11.46
N GLY A 8 30.20 -14.07 -11.88
CA GLY A 8 30.75 -15.04 -12.81
C GLY A 8 30.99 -16.40 -12.21
N ALA A 9 31.56 -17.30 -13.02
CA ALA A 9 31.83 -18.67 -12.59
C ALA A 9 32.90 -18.73 -11.51
N GLU A 10 32.89 -19.81 -10.73
CA GLU A 10 33.83 -19.98 -9.63
C GLU A 10 34.40 -21.39 -9.61
N VAL A 11 35.70 -21.49 -9.32
CA VAL A 11 36.38 -22.77 -9.17
C VAL A 11 37.07 -22.84 -7.82
N LYS A 12 36.71 -23.84 -7.01
CA LYS A 12 37.25 -23.95 -5.66
C LYS A 12 37.72 -25.36 -5.32
N LYS A 13 38.65 -25.44 -4.37
CA LYS A 13 39.10 -26.72 -3.85
C LYS A 13 38.21 -27.14 -2.69
N PRO A 14 38.06 -28.46 -2.47
CA PRO A 14 37.22 -28.98 -1.39
C PRO A 14 37.60 -28.42 -0.02
N GLY A 15 36.64 -27.81 0.66
CA GLY A 15 36.88 -27.25 1.98
C GLY A 15 36.85 -25.73 1.98
N ALA A 16 36.89 -25.13 0.79
CA ALA A 16 36.89 -23.68 0.66
C ALA A 16 35.49 -23.09 0.77
N SER A 17 35.37 -21.80 0.47
CA SER A 17 34.08 -21.13 0.54
C SER A 17 33.82 -20.28 -0.71
N VAL A 18 32.54 -20.16 -1.07
CA VAL A 18 32.14 -19.34 -2.20
C VAL A 18 31.17 -18.25 -1.77
N LYS A 19 31.33 -17.05 -2.32
CA LYS A 19 30.38 -15.97 -2.09
C LYS A 19 29.86 -15.45 -3.42
N VAL A 20 28.58 -15.70 -3.70
CA VAL A 20 27.98 -15.30 -4.97
C VAL A 20 27.06 -14.10 -4.82
N SER A 21 27.27 -13.08 -5.65
CA SER A 21 26.45 -11.89 -5.62
C SER A 21 25.30 -11.95 -6.63
N CYS A 22 24.25 -11.18 -6.37
CA CYS A 22 23.08 -11.13 -7.25
C CYS A 22 22.46 -9.73 -7.20
N LYS A 23 22.82 -8.89 -8.16
CA LYS A 23 22.39 -7.50 -8.19
C LYS A 23 21.01 -7.34 -8.83
N ALA A 24 20.07 -6.76 -8.08
CA ALA A 24 18.71 -6.60 -8.56
C ALA A 24 18.46 -5.17 -9.07
N SER A 25 17.54 -5.05 -10.02
CA SER A 25 17.16 -3.76 -10.58
C SER A 25 15.80 -3.83 -11.27
N GLY A 26 15.14 -2.69 -11.40
CA GLY A 26 13.87 -2.62 -12.08
C GLY A 26 12.68 -2.65 -11.15
N TYR A 27 12.94 -2.76 -9.85
CA TYR A 27 11.88 -2.80 -8.86
C TYR A 27 12.40 -2.41 -7.48
N THR A 28 11.48 -2.11 -6.56
CA THR A 28 11.85 -1.77 -5.19
C THR A 28 12.42 -3.00 -4.48
N PHE A 29 13.74 -3.02 -4.36
CA PHE A 29 14.47 -4.17 -3.83
C PHE A 29 14.12 -4.53 -2.38
N ARG A 30 13.76 -3.52 -1.60
CA ARG A 30 13.51 -3.70 -0.17
C ARG A 30 12.34 -4.62 0.13
N SER A 31 11.23 -4.45 -0.59
CA SER A 31 10.02 -5.21 -0.32
C SER A 31 9.93 -6.50 -1.13
N SER A 32 10.91 -7.39 -0.96
CA SER A 32 10.93 -8.63 -1.73
C SER A 32 11.72 -9.74 -1.05
N TYR A 33 11.39 -10.98 -1.41
CA TYR A 33 12.14 -12.14 -0.94
C TYR A 33 13.04 -12.65 -2.05
N ILE A 34 14.28 -12.99 -1.71
CA ILE A 34 15.21 -13.58 -2.67
C ILE A 34 15.57 -15.00 -2.26
N SER A 35 15.26 -15.95 -3.12
CA SER A 35 15.55 -17.37 -2.87
C SER A 35 16.75 -17.84 -3.68
N TRP A 36 17.45 -18.83 -3.15
CA TRP A 36 18.59 -19.41 -3.85
C TRP A 36 18.35 -20.88 -4.15
N VAL A 37 18.56 -21.26 -5.42
CA VAL A 37 18.34 -22.63 -5.86
C VAL A 37 19.56 -23.15 -6.61
N ARG A 38 20.01 -24.35 -6.25
CA ARG A 38 21.16 -24.96 -6.92
C ARG A 38 20.71 -26.11 -7.82
N GLN A 39 21.52 -26.40 -8.84
CA GLN A 39 21.22 -27.49 -9.77
C GLN A 39 22.48 -28.16 -10.28
N ALA A 40 22.72 -29.39 -9.84
CA ALA A 40 23.86 -30.17 -10.29
C ALA A 40 23.70 -30.52 -11.77
N PRO A 41 24.81 -30.60 -12.51
CA PRO A 41 24.78 -30.90 -13.95
C PRO A 41 24.05 -32.19 -14.28
N GLY A 42 22.93 -32.08 -14.97
CA GLY A 42 22.14 -33.23 -15.36
C GLY A 42 21.13 -33.65 -14.31
N GLN A 43 21.09 -32.91 -13.20
CA GLN A 43 20.19 -33.23 -12.10
C GLN A 43 19.06 -32.20 -11.96
N GLY A 44 18.23 -32.37 -10.95
CA GLY A 44 17.06 -31.53 -10.76
C GLY A 44 17.33 -30.29 -9.92
N LEU A 45 16.29 -29.51 -9.70
CA LEU A 45 16.38 -28.27 -8.93
C LEU A 45 16.29 -28.55 -7.43
N GLU A 46 17.01 -27.77 -6.64
CA GLU A 46 17.00 -27.93 -5.19
C GLU A 46 17.01 -26.58 -4.46
N TRP A 47 16.01 -26.38 -3.62
CA TRP A 47 15.89 -25.15 -2.84
C TRP A 47 16.92 -25.12 -1.72
N MET A 48 17.65 -24.02 -1.60
CA MET A 48 18.67 -23.89 -0.58
C MET A 48 18.21 -22.99 0.56
N GLY A 49 17.49 -21.93 0.23
CA GLY A 49 16.99 -21.00 1.22
C GLY A 49 16.49 -19.69 0.64
N TRP A 50 15.83 -18.89 1.46
CA TRP A 50 15.43 -17.55 1.04
C TRP A 50 15.81 -16.50 2.07
N ILE A 51 15.61 -15.24 1.71
CA ILE A 51 15.92 -14.12 2.59
C ILE A 51 15.08 -12.89 2.20
N TYR A 52 14.60 -12.18 3.22
CA TYR A 52 13.86 -10.94 2.97
C TYR A 52 14.83 -9.77 2.91
N ALA A 53 14.88 -9.12 1.75
CA ALA A 53 15.85 -8.06 1.50
C ALA A 53 15.72 -6.86 2.43
N GLY A 54 14.50 -6.62 2.92
CA GLY A 54 14.24 -5.48 3.77
C GLY A 54 15.00 -5.53 5.09
N THR A 55 14.85 -6.63 5.82
CA THR A 55 15.48 -6.77 7.12
C THR A 55 16.71 -7.69 7.08
N GLY A 56 16.59 -8.79 6.35
CA GLY A 56 17.68 -9.75 6.23
C GLY A 56 17.38 -11.07 6.91
N SER A 57 16.14 -11.25 7.33
CA SER A 57 15.71 -12.49 7.97
C SER A 57 15.67 -13.62 6.96
N PRO A 58 16.48 -14.67 7.20
CA PRO A 58 16.61 -15.79 6.27
C PRO A 58 15.90 -17.06 6.73
N SER A 59 15.99 -18.09 5.90
CA SER A 59 15.46 -19.41 6.23
C SER A 59 16.18 -20.45 5.37
N TYR A 60 17.02 -21.27 6.01
CA TYR A 60 17.89 -22.18 5.28
C TYR A 60 17.40 -23.62 5.29
N ASN A 61 17.90 -24.41 4.34
CA ASN A 61 17.60 -25.83 4.28
C ASN A 61 18.49 -26.61 5.24
N GLN A 62 17.89 -27.46 6.06
CA GLN A 62 18.62 -28.20 7.09
C GLN A 62 19.62 -29.20 6.52
N LYS A 63 19.41 -29.61 5.28
CA LYS A 63 20.27 -30.60 4.65
C LYS A 63 21.68 -30.09 4.37
N LEU A 64 21.85 -28.77 4.37
CA LEU A 64 23.15 -28.17 4.15
C LEU A 64 23.97 -28.07 5.43
N GLN A 65 23.37 -28.51 6.54
CA GLN A 65 24.04 -28.62 7.83
C GLN A 65 24.75 -27.36 8.33
N GLY A 66 24.13 -26.20 8.12
CA GLY A 66 24.64 -24.95 8.67
C GLY A 66 25.83 -24.38 7.93
N ARG A 67 25.98 -24.75 6.66
CA ARG A 67 27.09 -24.26 5.84
C ARG A 67 26.68 -23.05 5.02
N VAL A 68 25.38 -22.81 4.91
CA VAL A 68 24.88 -21.72 4.08
C VAL A 68 24.47 -20.52 4.91
N THR A 69 24.90 -19.34 4.47
CA THR A 69 24.52 -18.10 5.10
C THR A 69 24.21 -17.07 4.03
N MET A 70 23.05 -16.44 4.13
CA MET A 70 22.62 -15.48 3.13
C MET A 70 22.54 -14.07 3.70
N THR A 71 22.98 -13.10 2.91
CA THR A 71 22.91 -11.71 3.30
C THR A 71 22.36 -10.84 2.18
N THR A 72 21.87 -9.66 2.56
CA THR A 72 21.36 -8.70 1.61
C THR A 72 21.96 -7.31 1.91
N ASP A 73 22.38 -6.59 0.86
CA ASP A 73 22.83 -5.21 0.98
C ASP A 73 21.79 -4.30 0.32
N THR A 74 21.15 -3.45 1.11
CA THR A 74 20.10 -2.57 0.62
C THR A 74 20.68 -1.44 -0.23
N SER A 75 21.90 -1.02 0.10
CA SER A 75 22.54 0.11 -0.58
C SER A 75 22.87 -0.20 -2.04
N THR A 76 23.39 -1.40 -2.28
CA THR A 76 23.78 -1.82 -3.62
C THR A 76 22.71 -2.65 -4.31
N SER A 77 21.62 -2.90 -3.59
CA SER A 77 20.52 -3.74 -4.10
C SER A 77 21.04 -5.09 -4.54
N THR A 78 21.97 -5.63 -3.75
CA THR A 78 22.66 -6.87 -4.09
C THR A 78 22.44 -7.95 -3.04
N ALA A 79 22.13 -9.15 -3.50
CA ALA A 79 22.02 -10.29 -2.60
C ALA A 79 23.30 -11.13 -2.65
N TYR A 80 23.70 -11.65 -1.50
CA TYR A 80 24.89 -12.47 -1.42
C TYR A 80 24.57 -13.81 -0.79
N MET A 81 25.13 -14.88 -1.34
CA MET A 81 25.03 -16.19 -0.70
C MET A 81 26.41 -16.79 -0.51
N GLU A 82 26.58 -17.51 0.59
CA GLU A 82 27.87 -18.04 0.98
C GLU A 82 27.77 -19.51 1.36
N LEU A 83 28.65 -20.33 0.79
CA LEU A 83 28.74 -21.73 1.17
C LEU A 83 30.10 -22.04 1.79
N ARG A 84 30.08 -22.57 3.01
CA ARG A 84 31.29 -22.94 3.72
C ARG A 84 31.54 -24.43 3.60
N SER A 85 32.78 -24.85 3.83
CA SER A 85 33.16 -26.26 3.84
C SER A 85 32.72 -27.01 2.58
N LEU A 86 33.19 -26.54 1.43
CA LEU A 86 32.71 -27.03 0.15
C LEU A 86 33.02 -28.50 -0.11
N ARG A 87 32.12 -29.15 -0.85
CA ARG A 87 32.27 -30.55 -1.22
C ARG A 87 32.18 -30.74 -2.73
N SER A 88 32.53 -31.94 -3.18
CA SER A 88 32.45 -32.29 -4.59
C SER A 88 31.00 -32.17 -5.09
N ASP A 89 30.05 -32.50 -4.22
CA ASP A 89 28.63 -32.51 -4.56
C ASP A 89 28.00 -31.12 -4.67
N ASP A 90 28.70 -30.12 -4.15
CA ASP A 90 28.22 -28.74 -4.20
C ASP A 90 28.55 -28.09 -5.54
N THR A 91 29.15 -28.89 -6.42
CA THR A 91 29.30 -28.51 -7.81
C THR A 91 27.92 -28.48 -8.47
N ALA A 92 27.47 -27.27 -8.76
CA ALA A 92 26.15 -27.06 -9.34
C ALA A 92 26.10 -25.68 -9.97
N VAL A 93 25.02 -25.40 -10.68
CA VAL A 93 24.73 -24.03 -11.08
C VAL A 93 23.83 -23.45 -10.01
N TYR A 94 24.23 -22.32 -9.45
CA TYR A 94 23.51 -21.71 -8.35
C TYR A 94 22.68 -20.52 -8.82
N TYR A 95 21.37 -20.64 -8.69
CA TYR A 95 20.46 -19.62 -9.19
C TYR A 95 19.97 -18.68 -8.10
N CYS A 96 19.80 -17.42 -8.48
CA CYS A 96 19.22 -16.41 -7.61
C CYS A 96 17.88 -15.98 -8.19
N ALA A 97 16.82 -16.13 -7.40
CA ALA A 97 15.47 -15.83 -7.89
C ALA A 97 14.64 -15.04 -6.89
N ARG A 98 13.61 -14.36 -7.40
CA ARG A 98 12.74 -13.54 -6.56
C ARG A 98 11.35 -14.15 -6.43
N HIS A 99 10.80 -14.12 -5.22
CA HIS A 99 9.41 -14.51 -5.00
C HIS A 99 8.54 -13.43 -5.63
N ARG A 100 7.41 -13.81 -6.22
CA ARG A 100 6.54 -12.83 -6.87
C ARG A 100 5.92 -11.83 -5.89
N ASP A 101 5.41 -12.33 -4.77
CA ASP A 101 4.94 -11.46 -3.68
C ASP A 101 4.97 -12.15 -2.32
N TYR A 102 4.29 -11.54 -1.35
CA TYR A 102 4.25 -12.07 0.01
C TYR A 102 3.43 -13.37 0.09
N TYR A 103 2.48 -13.52 -0.83
CA TYR A 103 1.52 -14.61 -0.74
C TYR A 103 1.88 -15.85 -1.57
N SER A 104 2.99 -15.77 -2.30
CA SER A 104 3.46 -16.92 -3.05
C SER A 104 4.98 -17.01 -3.10
N ASN A 105 5.51 -18.19 -2.81
CA ASN A 105 6.95 -18.43 -2.80
C ASN A 105 7.47 -18.81 -4.18
N SER A 106 6.56 -18.88 -5.16
CA SER A 106 6.93 -19.21 -6.54
C SER A 106 7.92 -18.20 -7.12
N LEU A 107 8.93 -18.72 -7.81
CA LEU A 107 10.03 -17.89 -8.31
C LEU A 107 9.74 -17.40 -9.74
N THR A 108 9.46 -16.11 -9.87
CA THR A 108 9.05 -15.53 -11.15
C THR A 108 10.21 -14.90 -11.93
N TYR A 109 11.15 -14.28 -11.22
CA TYR A 109 12.31 -13.67 -11.86
C TYR A 109 13.60 -14.38 -11.44
N TRP A 110 14.33 -14.92 -12.41
CA TRP A 110 15.55 -15.67 -12.14
C TRP A 110 16.80 -14.95 -12.63
N GLY A 111 17.94 -15.34 -12.08
CA GLY A 111 19.23 -14.87 -12.56
C GLY A 111 19.77 -15.80 -13.63
N GLN A 112 20.85 -15.40 -14.30
CA GLN A 112 21.40 -16.21 -15.37
C GLN A 112 22.14 -17.43 -14.83
N GLY A 113 22.44 -17.41 -13.53
CA GLY A 113 23.09 -18.52 -12.87
C GLY A 113 24.60 -18.44 -12.90
N THR A 114 25.24 -19.04 -11.91
CA THR A 114 26.70 -19.12 -11.87
C THR A 114 27.14 -20.56 -11.62
N LEU A 115 28.14 -21.01 -12.37
CA LEU A 115 28.67 -22.36 -12.22
C LEU A 115 29.73 -22.39 -11.13
N VAL A 116 29.41 -23.04 -10.02
CA VAL A 116 30.38 -23.26 -8.96
C VAL A 116 30.84 -24.71 -9.00
N THR A 117 32.08 -24.93 -9.40
CA THR A 117 32.63 -26.27 -9.47
C THR A 117 33.68 -26.52 -8.39
N VAL A 118 33.49 -27.60 -7.63
CA VAL A 118 34.41 -27.93 -6.55
C VAL A 118 35.12 -29.24 -6.83
N SER A 119 36.44 -29.18 -6.93
CA SER A 119 37.25 -30.36 -7.19
C SER A 119 38.69 -30.13 -6.73
N SER A 120 39.41 -31.22 -6.47
CA SER A 120 40.79 -31.13 -6.02
C SER A 120 41.73 -31.00 -7.21
N ALA A 121 41.20 -31.19 -8.41
CA ALA A 121 41.98 -31.12 -9.64
C ALA A 121 42.49 -29.70 -9.91
N SER A 122 43.65 -29.60 -10.55
CA SER A 122 44.22 -28.32 -10.91
C SER A 122 43.83 -27.94 -12.33
N THR A 123 43.92 -26.66 -12.65
CA THR A 123 43.57 -26.17 -13.99
C THR A 123 44.51 -26.75 -15.03
N LYS A 124 43.95 -27.51 -15.98
CA LYS A 124 44.74 -28.16 -17.01
C LYS A 124 44.13 -27.95 -18.39
N GLY A 125 44.98 -27.70 -19.38
CA GLY A 125 44.54 -27.56 -20.75
C GLY A 125 44.11 -28.89 -21.33
N PRO A 126 43.42 -28.87 -22.48
CA PRO A 126 42.90 -30.09 -23.09
C PRO A 126 43.86 -30.75 -24.07
N SER A 127 43.82 -32.07 -24.13
CA SER A 127 44.59 -32.83 -25.11
C SER A 127 43.68 -33.25 -26.26
N VAL A 128 43.94 -32.71 -27.44
CA VAL A 128 43.07 -32.94 -28.59
C VAL A 128 43.62 -34.04 -29.51
N PHE A 129 42.85 -35.12 -29.64
CA PHE A 129 43.23 -36.22 -30.52
C PHE A 129 42.21 -36.37 -31.65
N PRO A 130 42.70 -36.70 -32.86
CA PRO A 130 41.82 -36.82 -34.03
C PRO A 130 41.06 -38.14 -34.09
N LEU A 131 39.81 -38.08 -34.51
CA LEU A 131 39.01 -39.27 -34.74
C LEU A 131 38.98 -39.56 -36.24
N ALA A 132 39.95 -40.33 -36.71
CA ALA A 132 40.14 -40.58 -38.13
C ALA A 132 39.00 -41.38 -38.77
N PRO A 133 38.51 -40.89 -39.92
CA PRO A 133 37.48 -41.60 -40.69
C PRO A 133 38.07 -42.77 -41.47
N SER A 134 37.27 -43.82 -41.66
CA SER A 134 37.73 -44.99 -42.39
C SER A 134 36.60 -45.60 -43.22
N GLY A 141 27.70 -43.79 -47.92
CA GLY A 141 27.90 -42.56 -48.68
C GLY A 141 28.60 -41.49 -47.87
N THR A 142 28.07 -41.20 -46.69
CA THR A 142 28.65 -40.19 -45.81
C THR A 142 29.66 -40.81 -44.85
N ALA A 143 30.67 -40.03 -44.49
CA ALA A 143 31.71 -40.48 -43.56
C ALA A 143 31.76 -39.60 -42.33
N ALA A 144 32.08 -40.19 -41.18
CA ALA A 144 32.14 -39.46 -39.92
C ALA A 144 33.57 -39.26 -39.44
N LEU A 145 33.82 -38.09 -38.85
CA LEU A 145 35.13 -37.78 -38.29
C LEU A 145 34.97 -36.75 -37.17
N GLY A 146 35.98 -36.63 -36.31
CA GLY A 146 35.90 -35.70 -35.21
C GLY A 146 37.19 -35.52 -34.41
N CYS A 147 37.05 -34.88 -33.25
CA CYS A 147 38.19 -34.65 -32.36
C CYS A 147 37.86 -35.08 -30.94
N LEU A 148 38.82 -35.71 -30.29
CA LEU A 148 38.65 -36.16 -28.91
C LEU A 148 39.32 -35.20 -27.94
N VAL A 149 38.55 -34.27 -27.39
CA VAL A 149 39.06 -33.31 -26.41
C VAL A 149 39.08 -33.95 -25.03
N LYS A 150 40.25 -34.40 -24.61
CA LYS A 150 40.35 -35.22 -23.41
C LYS A 150 41.20 -34.60 -22.30
N ASP A 151 40.79 -34.85 -21.05
CA ASP A 151 41.52 -34.42 -19.86
C ASP A 151 41.77 -32.91 -19.78
N TYR A 152 40.73 -32.16 -19.40
CA TYR A 152 40.85 -30.72 -19.18
C TYR A 152 40.06 -30.28 -17.94
N PHE A 153 40.33 -29.06 -17.48
CA PHE A 153 39.78 -28.56 -16.23
C PHE A 153 40.14 -27.07 -16.15
N PRO A 154 39.15 -26.21 -15.89
CA PRO A 154 37.72 -26.49 -15.68
C PRO A 154 36.84 -26.46 -16.95
N GLU A 155 35.53 -26.55 -16.72
CA GLU A 155 34.52 -26.30 -17.73
C GLU A 155 34.39 -24.79 -17.89
N PRO A 156 34.01 -24.32 -19.09
CA PRO A 156 33.75 -25.14 -20.27
C PRO A 156 34.84 -24.99 -21.32
N VAL A 157 34.59 -25.55 -22.50
CA VAL A 157 35.54 -25.46 -23.61
C VAL A 157 34.78 -25.15 -24.90
N THR A 158 35.44 -24.48 -25.84
CA THR A 158 34.81 -24.07 -27.09
C THR A 158 35.37 -24.85 -28.28
N VAL A 159 34.49 -25.47 -29.05
CA VAL A 159 34.90 -26.24 -30.22
C VAL A 159 34.16 -25.80 -31.48
N SER A 160 34.90 -25.47 -32.52
CA SER A 160 34.32 -25.14 -33.82
C SER A 160 35.09 -25.86 -34.92
N TRP A 161 34.48 -25.96 -36.10
CA TRP A 161 35.10 -26.65 -37.22
C TRP A 161 35.42 -25.72 -38.38
N ASN A 162 36.66 -25.80 -38.87
CA ASN A 162 37.14 -24.94 -39.95
C ASN A 162 36.94 -23.45 -39.68
N SER A 163 37.24 -23.04 -38.44
CA SER A 163 37.14 -21.65 -38.01
C SER A 163 35.73 -21.07 -38.18
N GLY A 164 34.72 -21.88 -37.88
CA GLY A 164 33.34 -21.41 -37.88
C GLY A 164 32.61 -21.64 -39.19
N ALA A 165 33.35 -21.92 -40.25
CA ALA A 165 32.75 -22.11 -41.58
C ALA A 165 31.92 -23.39 -41.66
N LEU A 166 32.39 -24.44 -40.98
CA LEU A 166 31.70 -25.72 -40.99
C LEU A 166 30.81 -25.88 -39.77
N THR A 167 29.51 -25.84 -39.98
CA THR A 167 28.54 -25.95 -38.88
C THR A 167 27.46 -26.97 -39.18
N SER A 168 27.37 -27.41 -40.43
CA SER A 168 26.36 -28.37 -40.85
C SER A 168 26.76 -29.80 -40.50
N GLY A 169 25.92 -30.47 -39.72
CA GLY A 169 26.16 -31.85 -39.33
C GLY A 169 27.14 -31.99 -38.19
N VAL A 170 27.40 -30.89 -37.49
CA VAL A 170 28.34 -30.89 -36.38
C VAL A 170 27.64 -31.20 -35.06
N HIS A 171 28.11 -32.23 -34.36
CA HIS A 171 27.58 -32.59 -33.06
C HIS A 171 28.67 -32.55 -31.99
N THR A 172 28.63 -31.51 -31.16
CA THR A 172 29.56 -31.42 -30.04
C THR A 172 28.88 -31.92 -28.76
N PHE A 173 29.32 -33.08 -28.30
CA PHE A 173 28.72 -33.74 -27.14
C PHE A 173 29.07 -33.02 -25.84
N PRO A 174 28.14 -33.01 -24.88
CA PRO A 174 28.41 -32.42 -23.55
C PRO A 174 29.52 -33.20 -22.84
N ALA A 175 30.33 -32.49 -22.07
CA ALA A 175 31.47 -33.10 -21.40
C ALA A 175 31.05 -34.17 -20.40
N VAL A 176 31.93 -35.14 -20.18
CA VAL A 176 31.71 -36.16 -19.15
C VAL A 176 32.84 -36.08 -18.13
N LEU A 177 32.47 -36.16 -16.85
CA LEU A 177 33.45 -36.07 -15.78
C LEU A 177 34.10 -37.41 -15.52
N GLN A 178 35.38 -37.52 -15.85
CA GLN A 178 36.12 -38.77 -15.67
C GLN A 178 36.46 -39.01 -14.20
N SER A 179 36.98 -40.21 -13.91
CA SER A 179 37.33 -40.58 -12.55
C SER A 179 38.48 -39.75 -12.01
N SER A 180 39.34 -39.28 -12.92
CA SER A 180 40.50 -38.48 -12.54
C SER A 180 40.12 -37.07 -12.09
N GLY A 181 38.90 -36.67 -12.42
CA GLY A 181 38.43 -35.34 -12.08
C GLY A 181 38.58 -34.38 -13.23
N LEU A 182 39.07 -34.89 -14.36
CA LEU A 182 39.25 -34.09 -15.56
C LEU A 182 38.12 -34.36 -16.56
N TYR A 183 37.66 -33.32 -17.23
CA TYR A 183 36.57 -33.44 -18.18
C TYR A 183 37.03 -33.96 -19.54
N SER A 184 36.08 -34.46 -20.31
CA SER A 184 36.37 -35.01 -21.64
C SER A 184 35.11 -35.05 -22.50
N LEU A 185 35.26 -34.64 -23.75
CA LEU A 185 34.15 -34.69 -24.70
C LEU A 185 34.63 -34.94 -26.12
N SER A 186 33.70 -35.26 -27.00
CA SER A 186 34.02 -35.45 -28.42
C SER A 186 33.19 -34.49 -29.26
N SER A 187 33.70 -34.19 -30.46
CA SER A 187 32.99 -33.32 -31.38
C SER A 187 33.08 -33.90 -32.79
N VAL A 188 31.98 -34.50 -33.25
CA VAL A 188 31.98 -35.18 -34.53
C VAL A 188 31.30 -34.37 -35.63
N VAL A 189 31.51 -34.79 -36.88
CA VAL A 189 30.89 -34.15 -38.03
C VAL A 189 30.82 -35.13 -39.20
N THR A 190 29.67 -35.19 -39.86
CA THR A 190 29.48 -36.09 -40.99
C THR A 190 29.56 -35.34 -42.32
N VAL A 191 30.43 -35.81 -43.20
CA VAL A 191 30.63 -35.21 -44.51
C VAL A 191 30.71 -36.31 -45.58
N PRO A 192 30.41 -35.96 -46.85
CA PRO A 192 30.51 -36.94 -47.94
C PRO A 192 31.92 -37.52 -48.08
N SER A 193 32.01 -38.75 -48.55
CA SER A 193 33.29 -39.43 -48.71
C SER A 193 34.11 -38.84 -49.86
N SER A 194 33.43 -38.11 -50.75
CA SER A 194 34.08 -37.50 -51.90
C SER A 194 34.86 -36.25 -51.49
N SER A 195 34.49 -35.66 -50.35
CA SER A 195 35.11 -34.43 -49.89
C SER A 195 36.29 -34.70 -48.96
N LEU A 196 36.57 -35.98 -48.72
CA LEU A 196 37.66 -36.37 -47.82
C LEU A 196 39.03 -36.06 -48.42
N GLY A 197 39.13 -36.13 -49.75
CA GLY A 197 40.40 -35.94 -50.43
C GLY A 197 40.60 -34.54 -50.95
N THR A 198 39.59 -33.69 -50.81
CA THR A 198 39.65 -32.33 -51.32
C THR A 198 39.47 -31.27 -50.24
N GLN A 199 38.56 -31.53 -49.30
CA GLN A 199 38.28 -30.57 -48.24
C GLN A 199 39.09 -30.87 -46.99
N THR A 200 39.66 -29.81 -46.41
CA THR A 200 40.47 -29.94 -45.20
C THR A 200 39.64 -29.66 -43.96
N TYR A 201 39.58 -30.64 -43.06
CA TYR A 201 38.79 -30.50 -41.84
C TYR A 201 39.67 -30.33 -40.60
N ILE A 202 39.55 -29.17 -39.95
CA ILE A 202 40.32 -28.86 -38.76
C ILE A 202 39.39 -28.35 -37.66
N CYS A 203 39.51 -28.92 -36.46
CA CYS A 203 38.69 -28.47 -35.34
C CYS A 203 39.41 -27.43 -34.49
N ASN A 204 38.69 -26.38 -34.12
CA ASN A 204 39.24 -25.30 -33.32
C ASN A 204 38.84 -25.42 -31.86
N VAL A 205 39.74 -25.96 -31.04
CA VAL A 205 39.47 -26.14 -29.61
C VAL A 205 40.07 -25.00 -28.80
N ASN A 206 39.23 -24.35 -28.00
CA ASN A 206 39.67 -23.22 -27.19
C ASN A 206 39.27 -23.36 -25.72
N HIS A 207 40.27 -23.42 -24.84
CA HIS A 207 40.02 -23.52 -23.41
C HIS A 207 40.39 -22.22 -22.71
N LYS A 208 39.38 -21.43 -22.36
CA LYS A 208 39.57 -20.10 -21.77
C LYS A 208 40.24 -20.05 -20.38
N PRO A 209 39.77 -20.88 -19.43
CA PRO A 209 40.34 -20.76 -18.07
C PRO A 209 41.84 -21.04 -17.97
N SER A 210 42.40 -21.73 -18.95
CA SER A 210 43.84 -22.01 -18.95
C SER A 210 44.54 -21.33 -20.12
N ASN A 211 43.80 -20.49 -20.83
CA ASN A 211 44.31 -19.78 -22.01
C ASN A 211 44.97 -20.71 -23.02
N THR A 212 44.23 -21.71 -23.46
CA THR A 212 44.75 -22.71 -24.39
C THR A 212 43.97 -22.70 -25.70
N LYS A 213 44.70 -22.67 -26.81
CA LYS A 213 44.10 -22.75 -28.13
C LYS A 213 44.76 -23.86 -28.94
N VAL A 214 43.97 -24.87 -29.29
CA VAL A 214 44.49 -26.02 -30.04
C VAL A 214 43.75 -26.23 -31.35
N ASP A 215 44.50 -26.36 -32.44
CA ASP A 215 43.93 -26.66 -33.74
C ASP A 215 44.52 -27.96 -34.29
N LYS A 216 43.67 -28.97 -34.45
CA LYS A 216 44.12 -30.27 -34.95
C LYS A 216 43.47 -30.62 -36.27
N LYS A 217 44.28 -31.09 -37.22
CA LYS A 217 43.80 -31.47 -38.54
C LYS A 217 43.50 -32.96 -38.59
N VAL A 218 42.28 -33.31 -38.98
CA VAL A 218 41.85 -34.70 -39.02
C VAL A 218 42.11 -35.32 -40.39
N GLU A 219 42.93 -36.37 -40.42
CA GLU A 219 43.27 -37.05 -41.65
C GLU A 219 42.76 -38.49 -41.66
N PRO A 220 42.40 -39.01 -42.84
CA PRO A 220 41.92 -40.39 -42.96
C PRO A 220 43.08 -41.38 -43.11
N ASP B 1 9.88 -33.29 6.03
CA ASP B 1 9.98 -32.61 4.74
C ASP B 1 9.06 -33.26 3.71
N ILE B 2 8.42 -32.43 2.90
CA ILE B 2 7.49 -32.91 1.88
C ILE B 2 8.25 -33.47 0.67
N VAL B 3 7.71 -34.52 0.07
CA VAL B 3 8.33 -35.14 -1.10
C VAL B 3 7.43 -35.01 -2.31
N MET B 4 8.00 -34.55 -3.42
CA MET B 4 7.25 -34.38 -4.66
C MET B 4 7.67 -35.42 -5.69
N THR B 5 6.70 -36.21 -6.14
CA THR B 5 6.98 -37.26 -7.12
C THR B 5 6.24 -36.99 -8.42
N GLN B 6 6.99 -36.86 -9.50
CA GLN B 6 6.42 -36.54 -10.80
C GLN B 6 6.40 -37.77 -11.71
N SER B 7 5.29 -37.97 -12.40
CA SER B 7 5.15 -39.09 -13.34
C SER B 7 4.57 -38.63 -14.68
N PRO B 8 5.15 -39.09 -15.80
CA PRO B 8 6.30 -39.99 -15.85
C PRO B 8 7.63 -39.24 -15.75
N ASP B 9 8.74 -39.94 -15.95
CA ASP B 9 10.05 -39.29 -15.90
C ASP B 9 10.36 -38.63 -17.24
N SER B 10 9.83 -39.19 -18.31
CA SER B 10 10.03 -38.65 -19.65
C SER B 10 8.79 -38.89 -20.51
N LEU B 11 8.41 -37.89 -21.29
CA LEU B 11 7.19 -37.97 -22.09
C LEU B 11 7.44 -37.56 -23.54
N ALA B 12 6.93 -38.36 -24.47
CA ALA B 12 7.07 -38.08 -25.89
C ALA B 12 5.72 -37.76 -26.53
N VAL B 13 5.54 -36.51 -26.93
CA VAL B 13 4.28 -36.05 -27.50
C VAL B 13 4.49 -35.45 -28.88
N SER B 14 3.67 -35.86 -29.84
CA SER B 14 3.72 -35.31 -31.19
C SER B 14 3.31 -33.84 -31.19
N LEU B 15 3.75 -33.10 -32.21
CA LEU B 15 3.46 -31.67 -32.29
C LEU B 15 1.98 -31.37 -32.50
N GLY B 16 1.46 -30.44 -31.72
CA GLY B 16 0.06 -30.05 -31.82
C GLY B 16 -0.84 -30.89 -30.93
N GLU B 17 -0.29 -31.98 -30.40
CA GLU B 17 -1.04 -32.88 -29.54
C GLU B 17 -1.05 -32.40 -28.09
N ARG B 18 -1.74 -33.13 -27.23
CA ARG B 18 -1.86 -32.71 -25.84
C ARG B 18 -0.97 -33.52 -24.89
N ALA B 19 -0.35 -32.82 -23.95
CA ALA B 19 0.57 -33.44 -23.01
C ALA B 19 0.13 -33.21 -21.57
N THR B 20 0.14 -34.27 -20.78
CA THR B 20 -0.18 -34.15 -19.35
C THR B 20 0.98 -34.67 -18.50
N ILE B 21 1.31 -33.93 -17.46
CA ILE B 21 2.36 -34.32 -16.53
C ILE B 21 1.80 -34.35 -15.12
N ASN B 22 2.01 -35.46 -14.42
CA ASN B 22 1.44 -35.63 -13.09
C ASN B 22 2.45 -35.35 -11.96
N CYS B 23 1.92 -34.93 -10.81
CA CYS B 23 2.74 -34.67 -9.64
C CYS B 23 2.00 -35.11 -8.39
N LYS B 24 2.67 -35.90 -7.56
CA LYS B 24 2.06 -36.42 -6.34
C LYS B 24 2.91 -36.09 -5.11
N SER B 25 2.30 -35.45 -4.12
CA SER B 25 3.02 -35.00 -2.94
C SER B 25 2.75 -35.90 -1.72
N SER B 26 3.74 -36.03 -0.86
CA SER B 26 3.65 -36.87 0.33
C SER B 26 2.60 -36.34 1.32
N GLN B 27 2.59 -35.03 1.50
CA GLN B 27 1.62 -34.39 2.38
C GLN B 27 0.70 -33.48 1.57
N SER B 28 -0.50 -33.22 2.10
CA SER B 28 -1.45 -32.37 1.43
C SER B 28 -0.92 -30.93 1.33
N VAL B 29 -1.35 -30.23 0.29
CA VAL B 29 -0.90 -28.86 0.06
C VAL B 29 -2.09 -27.92 0.08
N LEU B 30 -3.28 -28.49 0.22
CA LEU B 30 -4.52 -27.74 0.28
C LEU B 30 -4.67 -27.04 1.64
N ASN B 31 -5.00 -25.75 1.61
CA ASN B 31 -5.23 -25.00 2.83
C ASN B 31 -6.72 -24.79 3.06
N SER B 32 -7.25 -25.44 4.11
CA SER B 32 -8.68 -25.40 4.41
C SER B 32 -9.17 -24.00 4.73
N GLY B 33 -8.25 -23.13 5.14
CA GLY B 33 -8.60 -21.77 5.51
C GLY B 33 -9.08 -20.93 4.34
N ASN B 34 -8.61 -21.26 3.14
CA ASN B 34 -8.99 -20.51 1.95
C ASN B 34 -9.23 -21.39 0.73
N GLN B 35 -9.19 -22.70 0.93
CA GLN B 35 -9.44 -23.69 -0.12
C GLN B 35 -8.50 -23.53 -1.32
N LYS B 36 -7.27 -23.09 -1.04
CA LYS B 36 -6.29 -22.89 -2.10
C LYS B 36 -5.18 -23.94 -2.05
N ASN B 37 -4.83 -24.48 -3.21
CA ASN B 37 -3.75 -25.44 -3.31
C ASN B 37 -2.43 -24.74 -3.64
N TYR B 38 -1.46 -24.87 -2.76
CA TYR B 38 -0.19 -24.19 -2.94
C TYR B 38 0.82 -25.03 -3.74
N LEU B 39 0.56 -25.15 -5.04
CA LEU B 39 1.37 -25.96 -5.93
C LEU B 39 1.88 -25.10 -7.08
N THR B 40 3.14 -25.32 -7.47
CA THR B 40 3.78 -24.49 -8.48
C THR B 40 4.40 -25.32 -9.61
N TRP B 41 4.27 -24.84 -10.84
CA TRP B 41 4.83 -25.50 -12.01
C TRP B 41 5.90 -24.65 -12.69
N TYR B 42 7.02 -25.26 -13.04
CA TYR B 42 8.10 -24.56 -13.74
C TYR B 42 8.42 -25.19 -15.09
N GLN B 43 9.10 -24.42 -15.94
CA GLN B 43 9.59 -24.92 -17.22
C GLN B 43 11.05 -24.48 -17.38
N GLN B 44 11.93 -25.44 -17.64
CA GLN B 44 13.34 -25.11 -17.84
C GLN B 44 13.89 -25.71 -19.12
N LYS B 45 14.26 -24.84 -20.06
CA LYS B 45 14.95 -25.26 -21.27
C LYS B 45 16.43 -25.41 -20.97
N PRO B 46 17.12 -26.31 -21.69
CA PRO B 46 18.54 -26.56 -21.41
C PRO B 46 19.43 -25.33 -21.64
N GLY B 47 20.23 -24.98 -20.65
CA GLY B 47 21.17 -23.89 -20.78
C GLY B 47 20.69 -22.57 -20.19
N GLN B 48 19.41 -22.52 -19.85
CA GLN B 48 18.80 -21.30 -19.33
C GLN B 48 18.01 -21.57 -18.05
N PRO B 49 17.86 -20.55 -17.19
CA PRO B 49 17.13 -20.69 -15.93
C PRO B 49 15.66 -21.07 -16.13
N PRO B 50 15.03 -21.67 -15.12
CA PRO B 50 13.63 -22.10 -15.19
C PRO B 50 12.66 -20.93 -15.38
N LYS B 51 11.50 -21.22 -15.94
CA LYS B 51 10.47 -20.20 -16.14
C LYS B 51 9.20 -20.58 -15.38
N LEU B 52 8.67 -19.62 -14.62
CA LEU B 52 7.44 -19.86 -13.87
C LEU B 52 6.22 -19.86 -14.80
N LEU B 53 5.46 -20.95 -14.75
CA LEU B 53 4.27 -21.09 -15.57
C LEU B 53 3.00 -20.89 -14.75
N ILE B 54 2.85 -21.69 -13.71
CA ILE B 54 1.62 -21.72 -12.92
C ILE B 54 1.91 -21.76 -11.42
N TYR B 55 1.18 -20.96 -10.66
CA TYR B 55 1.23 -20.99 -9.20
C TYR B 55 -0.18 -21.16 -8.65
N TRP B 56 -0.29 -21.61 -7.43
CA TRP B 56 -1.53 -21.95 -6.78
C TRP B 56 -2.25 -22.94 -7.59
N ALA B 57 -1.53 -23.89 -8.14
CA ALA B 57 -2.11 -25.03 -8.79
C ALA B 57 -2.71 -24.75 -10.16
N SER B 58 -3.55 -23.75 -10.25
CA SER B 58 -4.20 -23.41 -11.48
C SER B 58 -4.05 -22.01 -12.01
N THR B 59 -3.23 -21.16 -11.44
CA THR B 59 -3.19 -19.79 -11.89
C THR B 59 -1.97 -19.51 -12.70
N ARG B 60 -2.16 -18.93 -13.86
CA ARG B 60 -1.02 -18.72 -14.76
C ARG B 60 -0.33 -17.39 -14.50
N GLU B 61 0.98 -17.38 -14.71
CA GLU B 61 1.78 -16.16 -14.60
C GLU B 61 1.55 -15.28 -15.83
N SER B 62 1.73 -13.98 -15.67
CA SER B 62 1.55 -13.03 -16.75
C SER B 62 2.45 -13.34 -17.95
N GLY B 63 1.84 -13.58 -19.10
CA GLY B 63 2.59 -13.87 -20.31
C GLY B 63 2.46 -15.31 -20.77
N VAL B 64 2.13 -16.19 -19.84
CA VAL B 64 2.03 -17.61 -20.14
C VAL B 64 0.80 -17.92 -21.00
N PRO B 65 1.02 -18.56 -22.16
CA PRO B 65 -0.04 -18.93 -23.12
C PRO B 65 -1.17 -19.75 -22.51
N ASP B 66 -2.34 -19.68 -23.12
CA ASP B 66 -3.53 -20.35 -22.61
C ASP B 66 -3.44 -21.87 -22.67
N ARG B 67 -2.58 -22.38 -23.54
CA ARG B 67 -2.46 -23.83 -23.73
C ARG B 67 -1.91 -24.53 -22.49
N PHE B 68 -1.18 -23.81 -21.66
CA PHE B 68 -0.72 -24.34 -20.38
C PHE B 68 -1.83 -24.26 -19.35
N SER B 69 -2.07 -25.36 -18.64
CA SER B 69 -3.14 -25.43 -17.66
C SER B 69 -2.80 -26.35 -16.50
N GLY B 70 -3.25 -25.98 -15.31
CA GLY B 70 -3.02 -26.77 -14.11
C GLY B 70 -4.30 -27.18 -13.42
N SER B 71 -4.33 -28.40 -12.90
CA SER B 71 -5.49 -28.90 -12.19
C SER B 71 -5.08 -29.83 -11.06
N GLY B 72 -6.06 -30.31 -10.29
CA GLY B 72 -5.78 -31.21 -9.19
C GLY B 72 -5.95 -30.54 -7.83
N SER B 73 -5.97 -31.35 -6.78
CA SER B 73 -6.13 -30.84 -5.43
C SER B 73 -5.55 -31.81 -4.40
N GLY B 74 -5.26 -31.30 -3.21
CA GLY B 74 -4.73 -32.12 -2.14
C GLY B 74 -3.33 -32.63 -2.38
N THR B 75 -3.22 -33.84 -2.91
CA THR B 75 -1.93 -34.47 -3.12
C THR B 75 -1.65 -34.82 -4.59
N ASP B 76 -2.71 -34.86 -5.40
CA ASP B 76 -2.57 -35.20 -6.82
C ASP B 76 -2.78 -33.97 -7.70
N PHE B 77 -1.77 -33.66 -8.52
CA PHE B 77 -1.83 -32.51 -9.41
C PHE B 77 -1.38 -32.87 -10.82
N THR B 78 -1.89 -32.12 -11.80
CA THR B 78 -1.60 -32.42 -13.20
C THR B 78 -1.38 -31.13 -14.01
N LEU B 79 -0.36 -31.15 -14.86
CA LEU B 79 -0.08 -30.05 -15.76
C LEU B 79 -0.36 -30.48 -17.20
N THR B 80 -1.31 -29.81 -17.85
CA THR B 80 -1.71 -30.18 -19.20
C THR B 80 -1.35 -29.12 -20.23
N ILE B 81 -0.90 -29.56 -21.40
CA ILE B 81 -0.63 -28.66 -22.52
C ILE B 81 -1.50 -29.08 -23.70
N SER B 82 -2.55 -28.33 -23.97
CA SER B 82 -3.55 -28.68 -24.99
C SER B 82 -2.95 -28.94 -26.37
N SER B 83 -2.06 -28.06 -26.82
CA SER B 83 -1.41 -28.22 -28.11
C SER B 83 0.08 -27.96 -28.00
N LEU B 84 0.86 -29.04 -27.90
CA LEU B 84 2.30 -28.93 -27.72
C LEU B 84 2.98 -28.26 -28.91
N GLN B 85 3.70 -27.17 -28.62
CA GLN B 85 4.42 -26.45 -29.65
C GLN B 85 5.90 -26.82 -29.62
N ALA B 86 6.64 -26.39 -30.64
CA ALA B 86 8.06 -26.72 -30.74
C ALA B 86 8.88 -26.06 -29.63
N GLU B 87 8.39 -24.94 -29.10
CA GLU B 87 9.10 -24.23 -28.05
C GLU B 87 8.71 -24.76 -26.66
N ASP B 88 7.81 -25.73 -26.63
CA ASP B 88 7.33 -26.28 -25.36
C ASP B 88 8.17 -27.45 -24.87
N VAL B 89 9.19 -27.83 -25.64
CA VAL B 89 10.06 -28.93 -25.23
C VAL B 89 11.10 -28.49 -24.21
N ALA B 90 10.99 -29.05 -23.01
CA ALA B 90 11.88 -28.74 -21.91
C ALA B 90 11.57 -29.71 -20.79
N VAL B 91 12.27 -29.54 -19.66
CA VAL B 91 11.97 -30.32 -18.47
C VAL B 91 11.04 -29.51 -17.59
N TYR B 92 10.03 -30.16 -17.02
CA TYR B 92 9.06 -29.47 -16.18
C TYR B 92 9.17 -29.88 -14.73
N TYR B 93 9.06 -28.91 -13.82
CA TYR B 93 9.24 -29.16 -12.40
C TYR B 93 8.02 -28.84 -11.56
N CYS B 94 7.79 -29.67 -10.55
CA CYS B 94 6.72 -29.47 -9.58
C CYS B 94 7.33 -28.91 -8.31
N GLN B 95 6.63 -27.97 -7.66
CA GLN B 95 7.14 -27.40 -6.42
C GLN B 95 6.03 -27.09 -5.41
N SER B 96 6.34 -27.32 -4.13
CA SER B 96 5.41 -27.04 -3.04
C SER B 96 5.48 -25.58 -2.63
N ASP B 97 4.34 -24.91 -2.61
CA ASP B 97 4.27 -23.50 -2.24
C ASP B 97 3.74 -23.35 -0.82
N TYR B 98 3.54 -24.48 -0.16
CA TYR B 98 2.95 -24.50 1.18
C TYR B 98 3.92 -24.01 2.25
N SER B 99 4.96 -24.80 2.50
CA SER B 99 5.89 -24.49 3.58
C SER B 99 7.27 -25.10 3.39
N TYR B 100 8.10 -24.99 4.42
CA TYR B 100 9.44 -25.57 4.43
C TYR B 100 9.39 -27.06 4.11
N PRO B 101 10.32 -27.54 3.26
CA PRO B 101 11.38 -26.74 2.63
C PRO B 101 11.10 -26.44 1.15
N TYR B 102 9.84 -26.23 0.79
CA TYR B 102 9.46 -25.83 -0.57
C TYR B 102 10.07 -26.75 -1.63
N THR B 103 9.88 -28.05 -1.43
CA THR B 103 10.57 -29.08 -2.22
C THR B 103 10.22 -29.08 -3.71
N PHE B 104 11.25 -29.14 -4.55
CA PHE B 104 11.07 -29.30 -5.98
C PHE B 104 10.85 -30.76 -6.33
N GLY B 105 10.21 -31.02 -7.48
CA GLY B 105 10.05 -32.37 -7.97
C GLY B 105 11.31 -32.82 -8.69
N GLN B 106 11.38 -34.11 -9.04
CA GLN B 106 12.57 -34.65 -9.69
C GLN B 106 12.64 -34.24 -11.15
N GLY B 107 11.51 -33.77 -11.68
CA GLY B 107 11.48 -33.25 -13.04
C GLY B 107 11.11 -34.27 -14.09
N THR B 108 10.69 -33.77 -15.25
CA THR B 108 10.27 -34.62 -16.37
C THR B 108 10.55 -33.95 -17.71
N LYS B 109 11.33 -34.60 -18.56
CA LYS B 109 11.65 -34.04 -19.86
C LYS B 109 10.52 -34.28 -20.86
N LEU B 110 10.22 -33.28 -21.66
CA LEU B 110 9.21 -33.41 -22.70
C LEU B 110 9.87 -33.29 -24.07
N GLU B 111 9.72 -34.34 -24.88
CA GLU B 111 10.33 -34.36 -26.21
C GLU B 111 9.28 -34.50 -27.31
N ILE B 112 9.68 -34.14 -28.53
CA ILE B 112 8.81 -34.27 -29.69
C ILE B 112 8.78 -35.71 -30.18
N LYS B 113 7.59 -36.27 -30.33
CA LYS B 113 7.46 -37.63 -30.85
C LYS B 113 7.71 -37.64 -32.35
N ARG B 114 8.83 -38.23 -32.74
CA ARG B 114 9.29 -38.20 -34.13
C ARG B 114 9.12 -39.59 -34.76
N THR B 115 9.21 -39.65 -36.09
CA THR B 115 9.27 -40.91 -36.80
C THR B 115 10.54 -41.67 -36.39
N VAL B 116 10.39 -42.97 -36.13
CA VAL B 116 11.50 -43.82 -35.73
C VAL B 116 12.65 -43.78 -36.75
N ALA B 117 13.86 -43.51 -36.25
CA ALA B 117 15.04 -43.47 -37.10
C ALA B 117 16.17 -44.32 -36.54
N ALA B 118 16.77 -45.16 -37.38
CA ALA B 118 17.87 -46.02 -36.96
C ALA B 118 19.18 -45.23 -36.93
N PRO B 119 20.00 -45.46 -35.90
CA PRO B 119 21.26 -44.74 -35.74
C PRO B 119 22.32 -45.19 -36.73
N SER B 120 23.16 -44.25 -37.18
CA SER B 120 24.31 -44.57 -38.01
C SER B 120 25.49 -44.83 -37.08
N VAL B 121 26.03 -46.06 -37.13
CA VAL B 121 27.09 -46.46 -36.21
C VAL B 121 28.48 -46.30 -36.83
N PHE B 122 29.37 -45.64 -36.10
CA PHE B 122 30.75 -45.46 -36.54
C PHE B 122 31.72 -45.85 -35.43
N ILE B 123 32.86 -46.40 -35.80
CA ILE B 123 33.88 -46.80 -34.83
C ILE B 123 35.18 -46.04 -35.08
N PHE B 124 35.80 -45.54 -34.01
CA PHE B 124 37.04 -44.79 -34.13
C PHE B 124 38.15 -45.38 -33.27
N PRO B 125 39.23 -45.85 -33.92
CA PRO B 125 40.39 -46.39 -33.22
C PRO B 125 41.20 -45.26 -32.59
N PRO B 126 41.96 -45.56 -31.52
CA PRO B 126 42.76 -44.54 -30.85
C PRO B 126 43.91 -44.05 -31.74
N SER B 127 44.17 -42.75 -31.71
CA SER B 127 45.23 -42.15 -32.52
C SER B 127 46.61 -42.52 -31.98
N ASP B 128 47.62 -42.42 -32.84
CA ASP B 128 48.99 -42.72 -32.44
C ASP B 128 49.52 -41.69 -31.45
N GLU B 129 49.01 -40.46 -31.56
CA GLU B 129 49.43 -39.38 -30.67
C GLU B 129 48.98 -39.62 -29.23
N GLN B 130 47.87 -40.33 -29.08
CA GLN B 130 47.36 -40.65 -27.75
C GLN B 130 48.10 -41.85 -27.18
N LEU B 131 48.47 -42.78 -28.06
CA LEU B 131 49.19 -43.98 -27.65
C LEU B 131 50.58 -43.65 -27.13
N LYS B 132 51.17 -42.56 -27.63
CA LYS B 132 52.48 -42.13 -27.16
C LYS B 132 52.44 -41.73 -25.69
N SER B 133 51.27 -41.29 -25.23
CA SER B 133 51.10 -40.87 -23.84
C SER B 133 50.68 -42.04 -22.95
N GLY B 134 50.50 -43.21 -23.55
CA GLY B 134 50.18 -44.41 -22.81
C GLY B 134 48.69 -44.64 -22.56
N THR B 135 47.87 -43.76 -23.13
CA THR B 135 46.41 -43.88 -22.98
C THR B 135 45.77 -44.31 -24.30
N ALA B 136 44.74 -45.14 -24.21
CA ALA B 136 44.03 -45.61 -25.41
C ALA B 136 42.53 -45.48 -25.25
N SER B 137 41.92 -44.62 -26.06
CA SER B 137 40.47 -44.40 -26.01
C SER B 137 39.80 -44.80 -27.32
N VAL B 138 38.78 -45.63 -27.23
CA VAL B 138 38.03 -46.06 -28.40
C VAL B 138 36.63 -45.47 -28.37
N VAL B 139 36.22 -44.85 -29.48
CA VAL B 139 34.94 -44.17 -29.53
C VAL B 139 33.95 -44.83 -30.50
N CYS B 140 32.72 -45.03 -30.04
CA CYS B 140 31.65 -45.52 -30.90
C CYS B 140 30.55 -44.46 -31.00
N LEU B 141 30.26 -44.01 -32.23
CA LEU B 141 29.25 -42.98 -32.44
C LEU B 141 27.94 -43.51 -33.03
N LEU B 142 26.83 -43.06 -32.46
CA LEU B 142 25.50 -43.38 -32.96
C LEU B 142 24.90 -42.03 -33.39
N ASN B 143 24.60 -41.89 -34.68
CA ASN B 143 24.17 -40.60 -35.23
C ASN B 143 22.69 -40.51 -35.57
N ASN B 144 22.09 -39.36 -35.23
CA ASN B 144 20.76 -38.98 -35.71
C ASN B 144 19.63 -40.00 -35.54
N PHE B 145 19.33 -40.39 -34.31
CA PHE B 145 18.31 -41.42 -34.10
C PHE B 145 17.16 -40.99 -33.18
N TYR B 146 16.05 -41.70 -33.32
CA TYR B 146 14.91 -41.60 -32.42
C TYR B 146 14.26 -42.99 -32.36
N PRO B 147 13.76 -43.40 -31.18
CA PRO B 147 13.77 -42.70 -29.89
C PRO B 147 15.10 -42.78 -29.15
N ARG B 148 15.19 -42.06 -28.04
CA ARG B 148 16.45 -41.90 -27.30
C ARG B 148 17.03 -43.21 -26.78
N GLU B 149 16.15 -44.14 -26.41
CA GLU B 149 16.59 -45.40 -25.81
C GLU B 149 17.48 -46.25 -26.74
N ALA B 150 18.70 -46.52 -26.27
CA ALA B 150 19.66 -47.31 -27.04
C ALA B 150 20.61 -48.06 -26.12
N LYS B 151 20.99 -49.27 -26.52
CA LYS B 151 21.94 -50.06 -25.75
C LYS B 151 23.26 -50.19 -26.50
N VAL B 152 24.34 -49.74 -25.87
CA VAL B 152 25.66 -49.79 -26.48
C VAL B 152 26.61 -50.66 -25.65
N GLN B 153 26.98 -51.81 -26.20
CA GLN B 153 27.90 -52.72 -25.52
C GLN B 153 29.25 -52.75 -26.21
N TRP B 154 30.32 -52.69 -25.41
CA TRP B 154 31.67 -52.83 -25.93
C TRP B 154 32.15 -54.26 -25.81
N LYS B 155 32.81 -54.76 -26.85
CA LYS B 155 33.32 -56.12 -26.84
C LYS B 155 34.79 -56.18 -27.26
N VAL B 156 35.65 -56.59 -26.32
CA VAL B 156 37.07 -56.74 -26.60
C VAL B 156 37.41 -58.22 -26.71
N ASP B 157 37.70 -58.66 -27.94
CA ASP B 157 37.88 -60.08 -28.24
C ASP B 157 36.67 -60.89 -27.79
N ASN B 158 35.49 -60.35 -28.10
CA ASN B 158 34.20 -60.97 -27.77
C ASN B 158 33.88 -61.06 -26.28
N ALA B 159 34.73 -60.48 -25.45
CA ALA B 159 34.46 -60.41 -24.01
C ALA B 159 33.74 -59.10 -23.68
N LEU B 160 32.65 -59.20 -22.92
CA LEU B 160 31.87 -58.04 -22.53
C LEU B 160 32.67 -57.08 -21.67
N GLN B 161 32.24 -55.82 -21.60
CA GLN B 161 32.97 -54.81 -20.86
C GLN B 161 32.10 -54.11 -19.82
N SER B 162 32.72 -53.67 -18.73
CA SER B 162 32.02 -52.96 -17.68
C SER B 162 32.95 -52.00 -16.93
N GLY B 163 32.42 -50.84 -16.56
CA GLY B 163 33.13 -49.90 -15.71
C GLY B 163 34.32 -49.20 -16.35
N ASN B 164 34.48 -49.37 -17.66
CA ASN B 164 35.59 -48.76 -18.36
C ASN B 164 35.15 -47.88 -19.52
N SER B 165 33.83 -47.69 -19.64
CA SER B 165 33.28 -46.88 -20.72
C SER B 165 32.39 -45.77 -20.18
N GLN B 166 32.29 -44.68 -20.94
CA GLN B 166 31.42 -43.57 -20.60
C GLN B 166 30.70 -43.08 -21.86
N GLU B 167 29.40 -42.81 -21.74
CA GLU B 167 28.63 -42.34 -22.88
C GLU B 167 28.00 -40.97 -22.65
N SER B 168 27.80 -40.24 -23.73
CA SER B 168 27.23 -38.90 -23.67
C SER B 168 26.17 -38.71 -24.76
N VAL B 169 25.05 -38.10 -24.39
CA VAL B 169 23.95 -37.89 -25.33
C VAL B 169 23.64 -36.41 -25.49
N THR B 170 23.52 -35.97 -26.74
CA THR B 170 23.17 -34.58 -27.02
C THR B 170 21.68 -34.33 -26.77
N GLU B 171 21.31 -33.06 -26.68
CA GLU B 171 19.91 -32.68 -26.57
C GLU B 171 19.22 -32.89 -27.90
N GLN B 172 17.89 -33.01 -27.87
CA GLN B 172 17.12 -33.26 -29.08
C GLN B 172 17.29 -32.12 -30.08
N ASP B 173 17.69 -32.47 -31.30
CA ASP B 173 17.97 -31.49 -32.34
C ASP B 173 16.76 -30.61 -32.62
N SER B 174 17.01 -29.33 -32.88
CA SER B 174 15.94 -28.39 -33.14
C SER B 174 15.39 -28.52 -34.56
N LYS B 175 16.17 -29.14 -35.43
CA LYS B 175 15.78 -29.27 -36.84
C LYS B 175 15.12 -30.62 -37.14
N ASP B 176 15.84 -31.71 -36.92
CA ASP B 176 15.31 -33.04 -37.25
C ASP B 176 14.80 -33.82 -36.04
N SER B 177 14.86 -33.19 -34.87
CA SER B 177 14.32 -33.77 -33.63
C SER B 177 14.87 -35.16 -33.29
N THR B 178 16.15 -35.39 -33.57
CA THR B 178 16.77 -36.67 -33.27
C THR B 178 17.77 -36.56 -32.13
N TYR B 179 18.32 -37.71 -31.74
CA TYR B 179 19.35 -37.76 -30.70
C TYR B 179 20.64 -38.34 -31.27
N SER B 180 21.74 -38.06 -30.57
CA SER B 180 23.04 -38.63 -30.94
C SER B 180 23.79 -39.07 -29.69
N LEU B 181 24.49 -40.19 -29.79
CA LEU B 181 25.19 -40.77 -28.64
C LEU B 181 26.67 -40.98 -28.93
N SER B 182 27.51 -40.72 -27.94
CA SER B 182 28.94 -40.93 -28.05
C SER B 182 29.48 -41.69 -26.85
N SER B 183 29.95 -42.91 -27.10
CA SER B 183 30.49 -43.75 -26.03
C SER B 183 31.99 -43.94 -26.18
N THR B 184 32.73 -43.70 -25.10
CA THR B 184 34.18 -43.79 -25.14
C THR B 184 34.73 -44.88 -24.21
N LEU B 185 35.45 -45.84 -24.80
CA LEU B 185 36.08 -46.92 -24.04
C LEU B 185 37.53 -46.57 -23.75
N THR B 186 37.88 -46.46 -22.48
CA THR B 186 39.23 -46.08 -22.09
C THR B 186 40.04 -47.26 -21.54
N LEU B 187 41.24 -47.45 -22.08
CA LEU B 187 42.11 -48.53 -21.65
C LEU B 187 43.56 -48.05 -21.56
N SER B 188 44.40 -48.82 -20.88
CA SER B 188 45.83 -48.53 -20.81
C SER B 188 46.50 -49.00 -22.09
N LYS B 189 47.69 -48.49 -22.37
CA LYS B 189 48.43 -48.88 -23.56
C LYS B 189 48.83 -50.36 -23.48
N ALA B 190 49.11 -50.82 -22.26
CA ALA B 190 49.45 -52.21 -22.03
C ALA B 190 48.25 -53.12 -22.31
N ASP B 191 47.10 -52.77 -21.73
CA ASP B 191 45.88 -53.53 -21.93
C ASP B 191 45.41 -53.51 -23.38
N TYR B 192 45.62 -52.38 -24.05
CA TYR B 192 45.17 -52.20 -25.43
C TYR B 192 45.94 -53.09 -26.40
N GLU B 193 47.25 -53.20 -26.20
CA GLU B 193 48.10 -53.97 -27.10
C GLU B 193 48.01 -55.48 -26.85
N LYS B 194 47.32 -55.86 -25.78
CA LYS B 194 47.14 -57.27 -25.46
C LYS B 194 46.05 -57.92 -26.30
N HIS B 195 45.09 -57.11 -26.76
CA HIS B 195 43.95 -57.62 -27.50
C HIS B 195 43.92 -57.13 -28.94
N LYS B 196 43.11 -57.78 -29.77
CA LYS B 196 43.05 -57.45 -31.19
C LYS B 196 41.67 -56.93 -31.62
N VAL B 197 40.64 -57.74 -31.41
CA VAL B 197 39.29 -57.41 -31.86
C VAL B 197 38.57 -56.45 -30.92
N TYR B 198 38.22 -55.27 -31.44
CA TYR B 198 37.45 -54.29 -30.69
C TYR B 198 36.17 -53.95 -31.44
N ALA B 199 35.04 -54.08 -30.77
CA ALA B 199 33.74 -53.84 -31.42
C ALA B 199 32.71 -53.28 -30.44
N CYS B 200 31.78 -52.50 -30.99
CA CYS B 200 30.66 -51.99 -30.20
C CYS B 200 29.34 -52.49 -30.78
N GLU B 201 28.50 -53.08 -29.92
CA GLU B 201 27.21 -53.60 -30.35
C GLU B 201 26.11 -52.60 -30.04
N VAL B 202 25.30 -52.29 -31.04
CA VAL B 202 24.23 -51.31 -30.88
C VAL B 202 22.85 -51.94 -31.03
N THR B 203 22.00 -51.74 -30.03
CA THR B 203 20.63 -52.24 -30.07
C THR B 203 19.64 -51.08 -30.03
N HIS B 204 18.81 -50.98 -31.06
CA HIS B 204 17.84 -49.89 -31.15
C HIS B 204 16.52 -50.38 -31.71
N GLN B 205 15.46 -49.63 -31.46
CA GLN B 205 14.11 -50.01 -31.91
C GLN B 205 14.01 -49.96 -33.44
N GLY B 206 14.80 -49.09 -34.05
CA GLY B 206 14.79 -48.95 -35.50
C GLY B 206 15.63 -50.00 -36.21
N LEU B 207 16.25 -50.88 -35.41
CA LEU B 207 17.08 -51.94 -35.95
C LEU B 207 16.47 -53.31 -35.65
N SER B 208 16.26 -54.10 -36.69
CA SER B 208 15.71 -55.44 -36.52
C SER B 208 16.71 -56.34 -35.79
N SER B 209 17.96 -56.27 -36.22
CA SER B 209 19.04 -57.03 -35.60
C SER B 209 20.13 -56.08 -35.10
N PRO B 210 20.73 -56.41 -33.94
CA PRO B 210 21.79 -55.59 -33.35
C PRO B 210 22.98 -55.37 -34.29
N VAL B 211 23.26 -54.11 -34.60
CA VAL B 211 24.35 -53.77 -35.51
C VAL B 211 25.68 -53.72 -34.78
N THR B 212 26.68 -54.42 -35.31
CA THR B 212 28.00 -54.47 -34.69
C THR B 212 29.10 -54.00 -35.65
N LYS B 213 29.85 -52.99 -35.22
CA LYS B 213 30.98 -52.49 -35.99
C LYS B 213 32.29 -52.95 -35.35
N SER B 214 33.10 -53.68 -36.10
CA SER B 214 34.32 -54.27 -35.54
C SER B 214 35.57 -53.92 -36.33
N PHE B 215 36.72 -53.95 -35.66
CA PHE B 215 38.01 -53.74 -36.31
C PHE B 215 39.13 -54.40 -35.52
N ASN B 216 40.20 -54.77 -36.22
CA ASN B 216 41.36 -55.39 -35.59
C ASN B 216 42.46 -54.38 -35.29
N ARG B 217 43.26 -54.66 -34.27
CA ARG B 217 44.34 -53.76 -33.88
C ARG B 217 45.39 -53.64 -34.98
N GLY B 218 45.58 -52.41 -35.47
CA GLY B 218 46.50 -52.17 -36.58
C GLY B 218 45.74 -52.00 -37.88
N GLU B 219 45.61 -53.09 -38.63
CA GLU B 219 44.87 -53.05 -39.89
C GLU B 219 44.09 -54.35 -40.09
N ALA C 8 -8.59 6.38 27.01
CA ALA C 8 -9.65 5.41 26.77
C ALA C 8 -9.75 5.06 25.28
N VAL C 9 -9.66 6.07 24.43
CA VAL C 9 -9.73 5.85 22.99
C VAL C 9 -8.57 6.52 22.25
N CYS C 10 -7.85 5.75 21.44
CA CYS C 10 -6.68 6.27 20.72
C CYS C 10 -6.80 6.07 19.21
N PRO C 11 -6.15 6.94 18.43
CA PRO C 11 -6.07 6.83 16.97
C PRO C 11 -5.15 5.72 16.46
N GLY C 12 -5.25 5.40 15.15
CA GLY C 12 -4.45 4.36 14.52
C GLY C 12 -3.38 4.94 13.60
N THR C 13 -2.39 4.14 13.23
CA THR C 13 -1.15 4.69 12.66
C THR C 13 -1.11 4.93 11.13
N LEU C 14 -1.78 4.06 10.39
CA LEU C 14 -1.95 4.20 8.93
C LEU C 14 -0.70 4.00 8.08
N ASN C 15 0.43 3.68 8.69
CA ASN C 15 1.62 3.38 7.90
C ASN C 15 1.56 1.93 7.41
N GLY C 16 2.69 1.41 6.91
CA GLY C 16 2.73 0.04 6.46
C GLY C 16 3.89 -0.70 7.10
N LEU C 17 4.78 -1.24 6.29
CA LEU C 17 6.01 -1.82 6.80
C LEU C 17 7.07 -0.74 6.82
N SER C 18 6.67 0.46 6.43
CA SER C 18 7.56 1.60 6.40
C SER C 18 7.88 2.08 7.80
N VAL C 19 9.16 2.32 8.04
CA VAL C 19 9.60 2.93 9.29
C VAL C 19 10.07 4.35 9.04
N ALA C 23 15.35 4.17 15.19
CA ALA C 23 15.06 2.98 15.98
C ALA C 23 14.41 3.31 17.32
N GLU C 24 14.99 4.26 18.05
CA GLU C 24 14.47 4.59 19.37
C GLU C 24 13.19 5.43 19.30
N ASN C 25 13.17 6.42 18.41
CA ASN C 25 11.98 7.23 18.15
C ASN C 25 10.75 6.41 17.80
N GLN C 26 10.94 5.39 16.96
CA GLN C 26 9.82 4.56 16.52
C GLN C 26 9.10 3.90 17.69
N TYR C 27 9.88 3.46 18.67
CA TYR C 27 9.29 2.92 19.89
C TYR C 27 8.60 4.00 20.71
N GLN C 28 9.23 5.18 20.79
CA GLN C 28 8.64 6.30 21.51
C GLN C 28 7.29 6.68 20.93
N THR C 29 7.26 6.82 19.61
CA THR C 29 6.04 7.10 18.87
C THR C 29 4.96 6.06 19.15
N LEU C 30 5.35 4.79 19.15
CA LEU C 30 4.39 3.72 19.41
C LEU C 30 3.84 3.76 20.83
N TYR C 31 4.73 3.92 21.81
CA TYR C 31 4.34 3.94 23.22
C TYR C 31 3.36 5.07 23.53
N LYS C 32 3.81 6.32 23.39
CA LYS C 32 2.96 7.48 23.69
C LYS C 32 1.59 7.39 23.01
N LEU C 33 1.57 6.73 21.86
CA LEU C 33 0.38 6.64 21.02
C LEU C 33 -0.68 5.67 21.55
N TYR C 34 -0.27 4.50 22.04
CA TYR C 34 -1.25 3.46 22.40
C TYR C 34 -1.57 3.33 23.91
N GLU C 35 -0.61 3.64 24.78
CA GLU C 35 -0.93 3.78 26.21
C GLU C 35 -1.78 5.04 26.35
N ARG C 36 -2.80 5.01 27.20
CA ARG C 36 -3.22 3.84 27.96
C ARG C 36 -4.53 3.35 27.31
N CYS C 37 -4.63 3.61 26.02
CA CYS C 37 -5.91 3.43 25.28
C CYS C 37 -6.50 2.02 25.29
N GLU C 38 -7.81 1.97 25.07
CA GLU C 38 -8.60 0.75 25.22
C GLU C 38 -9.24 0.39 23.88
N VAL C 39 -9.58 1.43 23.10
CA VAL C 39 -10.18 1.26 21.77
C VAL C 39 -9.38 2.02 20.72
N VAL C 40 -8.80 1.29 19.77
CA VAL C 40 -8.00 1.93 18.73
C VAL C 40 -8.86 2.33 17.53
N MET C 41 -9.05 3.63 17.34
CA MET C 41 -9.76 4.14 16.18
C MET C 41 -8.84 4.14 14.96
N GLY C 42 -8.62 2.95 14.41
CA GLY C 42 -7.74 2.78 13.28
C GLY C 42 -7.02 1.45 13.33
N ASN C 43 -5.78 1.43 12.85
CA ASN C 43 -5.03 0.18 12.75
C ASN C 43 -3.90 0.07 13.77
N LEU C 44 -3.79 -1.10 14.40
CA LEU C 44 -2.73 -1.38 15.35
C LEU C 44 -1.54 -1.99 14.63
N GLU C 45 -0.51 -1.18 14.40
CA GLU C 45 0.65 -1.64 13.64
C GLU C 45 1.93 -1.66 14.48
N ILE C 46 2.43 -2.86 14.72
CA ILE C 46 3.63 -3.06 15.52
C ILE C 46 4.76 -3.61 14.64
N VAL C 47 5.60 -2.70 14.15
CA VAL C 47 6.63 -3.06 13.19
C VAL C 47 8.04 -2.69 13.67
N LEU C 48 8.97 -3.65 13.54
CA LEU C 48 10.37 -3.45 13.89
C LEU C 48 10.59 -2.98 15.33
N THR C 49 10.30 -3.88 16.27
CA THR C 49 10.45 -3.59 17.70
C THR C 49 11.45 -4.57 18.33
N GLY C 50 12.32 -4.05 19.20
CA GLY C 50 13.36 -4.83 19.84
C GLY C 50 12.86 -5.97 20.70
N HIS C 51 13.78 -6.84 21.11
CA HIS C 51 13.41 -8.04 21.87
C HIS C 51 13.05 -7.73 23.32
N ASN C 52 13.71 -6.75 23.91
CA ASN C 52 13.44 -6.37 25.30
C ASN C 52 12.72 -5.02 25.42
N ALA C 53 11.65 -4.86 24.64
CA ALA C 53 10.85 -3.65 24.72
C ALA C 53 9.62 -3.89 25.58
N ASP C 54 9.24 -2.88 26.36
CA ASP C 54 8.08 -2.99 27.23
C ASP C 54 6.79 -3.02 26.42
N LEU C 55 6.02 -4.09 26.58
CA LEU C 55 4.78 -4.26 25.82
C LEU C 55 3.56 -4.22 26.75
N SER C 56 3.75 -3.72 27.95
CA SER C 56 2.68 -3.65 28.94
C SER C 56 1.74 -2.48 28.67
N PHE C 57 2.13 -1.59 27.76
CA PHE C 57 1.31 -0.44 27.43
C PHE C 57 0.21 -0.82 26.42
N LEU C 58 0.22 -2.08 26.00
CA LEU C 58 -0.76 -2.59 25.06
C LEU C 58 -1.71 -3.59 25.73
N GLN C 59 -1.67 -3.63 27.05
CA GLN C 59 -2.46 -4.62 27.79
C GLN C 59 -3.90 -4.17 28.04
N TRP C 60 -4.20 -2.92 27.71
CA TRP C 60 -5.54 -2.39 27.96
C TRP C 60 -6.37 -2.31 26.69
N ILE C 61 -5.75 -2.54 25.55
CA ILE C 61 -6.44 -2.51 24.26
C ILE C 61 -7.50 -3.61 24.19
N ARG C 62 -8.76 -3.22 24.09
CA ARG C 62 -9.85 -4.18 24.02
C ARG C 62 -10.36 -4.36 22.59
N GLU C 63 -10.39 -3.28 21.84
CA GLU C 63 -10.96 -3.29 20.50
C GLU C 63 -10.10 -2.54 19.49
N VAL C 64 -10.00 -3.10 18.29
CA VAL C 64 -9.32 -2.44 17.17
C VAL C 64 -10.27 -2.33 15.99
N THR C 65 -10.57 -1.11 15.57
CA THR C 65 -11.57 -0.88 14.52
C THR C 65 -11.06 -1.23 13.13
N GLY C 66 -9.74 -1.17 12.94
CA GLY C 66 -9.13 -1.48 11.66
C GLY C 66 -8.53 -2.89 11.64
N TYR C 67 -7.25 -2.97 11.31
CA TYR C 67 -6.56 -4.25 11.27
C TYR C 67 -5.36 -4.26 12.22
N VAL C 68 -4.89 -5.46 12.56
CA VAL C 68 -3.72 -5.61 13.43
C VAL C 68 -2.51 -6.11 12.65
N LEU C 69 -1.46 -5.30 12.60
CA LEU C 69 -0.27 -5.62 11.83
C LEU C 69 0.93 -5.88 12.74
N VAL C 70 1.38 -7.13 12.78
CA VAL C 70 2.55 -7.50 13.57
C VAL C 70 3.64 -8.03 12.64
N ALA C 71 4.58 -7.17 12.28
CA ALA C 71 5.59 -7.54 11.29
C ALA C 71 7.02 -7.28 11.77
N MET C 72 7.92 -8.19 11.39
CA MET C 72 9.35 -8.13 11.69
C MET C 72 9.75 -7.52 13.05
N ASN C 73 9.22 -8.10 14.12
CA ASN C 73 9.58 -7.71 15.47
C ASN C 73 10.49 -8.77 16.09
N GLU C 74 11.21 -8.39 17.13
CA GLU C 74 12.19 -9.31 17.73
C GLU C 74 11.81 -9.80 19.12
N PHE C 75 10.72 -9.27 19.68
CA PHE C 75 10.29 -9.69 21.01
C PHE C 75 9.72 -11.10 21.02
N SER C 76 9.93 -11.81 22.13
CA SER C 76 9.55 -13.22 22.23
C SER C 76 8.05 -13.45 22.27
N THR C 77 7.34 -12.59 23.00
CA THR C 77 5.89 -12.72 23.13
C THR C 77 5.16 -11.41 22.89
N LEU C 78 3.96 -11.51 22.31
CA LEU C 78 3.09 -10.36 22.14
C LEU C 78 1.82 -10.58 22.96
N PRO C 79 1.79 -10.00 24.17
CA PRO C 79 0.67 -10.22 25.10
C PRO C 79 -0.43 -9.17 24.96
N LEU C 80 -1.55 -9.58 24.39
CA LEU C 80 -2.74 -8.73 24.30
C LEU C 80 -3.90 -9.42 24.99
N PRO C 81 -3.89 -9.42 26.34
CA PRO C 81 -4.84 -10.21 27.13
C PRO C 81 -6.25 -9.62 27.15
N ASN C 82 -6.38 -8.34 26.82
CA ASN C 82 -7.69 -7.69 26.83
C ASN C 82 -8.32 -7.56 25.44
N LEU C 83 -7.56 -7.89 24.41
CA LEU C 83 -8.05 -7.82 23.03
C LEU C 83 -9.20 -8.81 22.80
N ARG C 84 -10.39 -8.27 22.54
CA ARG C 84 -11.59 -9.08 22.33
C ARG C 84 -12.07 -9.05 20.89
N VAL C 85 -11.98 -7.89 20.26
CA VAL C 85 -12.59 -7.69 18.95
C VAL C 85 -11.70 -6.91 17.98
N VAL C 86 -11.55 -7.45 16.78
CA VAL C 86 -10.96 -6.71 15.66
C VAL C 86 -12.06 -6.49 14.63
N ARG C 87 -12.51 -5.25 14.52
CA ARG C 87 -13.67 -4.93 13.68
C ARG C 87 -13.40 -5.13 12.19
N GLY C 88 -12.28 -4.60 11.70
CA GLY C 88 -11.89 -4.76 10.32
C GLY C 88 -12.57 -3.80 9.37
N THR C 89 -12.89 -2.60 9.85
CA THR C 89 -13.47 -1.56 9.00
C THR C 89 -12.47 -1.18 7.92
N GLN C 90 -11.18 -1.28 8.27
CA GLN C 90 -10.10 -1.19 7.30
C GLN C 90 -9.31 -2.48 7.42
N VAL C 91 -9.10 -3.16 6.29
CA VAL C 91 -8.36 -4.42 6.29
C VAL C 91 -7.05 -4.32 5.53
N TYR C 92 -6.12 -5.21 5.86
CA TYR C 92 -4.80 -5.18 5.24
C TYR C 92 -4.78 -5.91 3.89
N ASP C 93 -4.27 -5.23 2.87
CA ASP C 93 -4.21 -5.74 1.50
C ASP C 93 -5.58 -6.19 0.99
N GLY C 94 -6.63 -5.55 1.51
CA GLY C 94 -7.99 -5.86 1.12
C GLY C 94 -8.49 -7.21 1.62
N LYS C 95 -7.69 -7.89 2.42
CA LYS C 95 -7.97 -9.28 2.77
C LYS C 95 -7.89 -9.62 4.25
N PHE C 96 -6.96 -9.01 4.98
CA PHE C 96 -6.64 -9.49 6.31
C PHE C 96 -6.83 -8.48 7.46
N ALA C 97 -7.59 -8.90 8.46
CA ALA C 97 -7.78 -8.13 9.69
C ALA C 97 -6.59 -8.35 10.64
N ILE C 98 -5.97 -9.52 10.54
CA ILE C 98 -4.77 -9.81 11.31
C ILE C 98 -3.63 -10.26 10.39
N PHE C 99 -2.51 -9.54 10.44
CA PHE C 99 -1.39 -9.82 9.56
C PHE C 99 -0.10 -9.99 10.37
N VAL C 100 0.39 -11.22 10.47
CA VAL C 100 1.59 -11.52 11.24
C VAL C 100 2.67 -12.14 10.35
N MET C 101 3.80 -11.47 10.22
CA MET C 101 4.84 -11.93 9.30
C MET C 101 6.27 -11.54 9.70
N LEU C 102 7.19 -12.48 9.55
CA LEU C 102 8.63 -12.24 9.69
C LEU C 102 9.10 -11.80 11.07
N ASN C 103 8.39 -12.20 12.12
CA ASN C 103 8.75 -11.78 13.47
C ASN C 103 9.87 -12.63 14.08
N TYR C 104 11.07 -12.50 13.52
CA TYR C 104 12.24 -13.19 14.05
C TYR C 104 13.54 -12.53 13.59
N ASN C 105 14.62 -12.74 14.34
CA ASN C 105 15.90 -12.08 14.11
C ASN C 105 16.73 -12.70 12.97
N THR C 106 17.72 -11.96 12.49
CA THR C 106 18.57 -12.38 11.38
C THR C 106 19.18 -13.77 11.63
N ASN C 107 19.61 -13.98 12.86
CA ASN C 107 20.24 -15.22 13.26
C ASN C 107 19.76 -15.51 14.67
N SER C 108 20.03 -14.55 15.55
CA SER C 108 19.81 -14.66 16.98
C SER C 108 18.47 -15.24 17.39
N SER C 109 18.44 -15.75 18.61
CA SER C 109 17.28 -16.43 19.17
C SER C 109 16.16 -15.44 19.51
N HIS C 110 16.34 -14.19 19.09
CA HIS C 110 15.32 -13.15 19.27
C HIS C 110 14.17 -13.31 18.29
N ALA C 111 13.28 -14.26 18.56
CA ALA C 111 12.13 -14.52 17.70
C ALA C 111 10.85 -14.54 18.52
N LEU C 112 9.74 -14.19 17.87
CA LEU C 112 8.43 -14.25 18.51
C LEU C 112 7.97 -15.70 18.58
N ARG C 113 7.66 -16.16 19.79
CA ARG C 113 7.31 -17.56 20.02
C ARG C 113 5.86 -17.75 20.42
N GLN C 114 5.26 -16.69 20.95
CA GLN C 114 3.88 -16.78 21.44
C GLN C 114 3.02 -15.59 21.02
N LEU C 115 1.81 -15.90 20.54
CA LEU C 115 0.80 -14.89 20.27
C LEU C 115 -0.32 -15.04 21.30
N ARG C 116 -0.29 -14.25 22.37
CA ARG C 116 -1.28 -14.33 23.43
C ARG C 116 -2.51 -13.47 23.16
N LEU C 117 -3.46 -14.04 22.43
CA LEU C 117 -4.75 -13.43 22.22
C LEU C 117 -5.79 -14.33 22.89
N THR C 118 -5.63 -14.51 24.19
CA THR C 118 -6.44 -15.45 24.97
C THR C 118 -7.90 -15.02 25.09
N GLN C 119 -8.15 -13.74 24.90
CA GLN C 119 -9.51 -13.21 24.98
C GLN C 119 -10.06 -12.78 23.62
N LEU C 120 -9.33 -13.09 22.56
CA LEU C 120 -9.80 -12.79 21.21
C LEU C 120 -11.04 -13.61 20.89
N THR C 121 -12.16 -12.93 20.69
CA THR C 121 -13.44 -13.62 20.53
C THR C 121 -14.08 -13.40 19.16
N GLU C 122 -13.77 -12.26 18.54
CA GLU C 122 -14.49 -11.90 17.33
C GLU C 122 -13.69 -11.07 16.33
N ILE C 123 -13.71 -11.50 15.08
CA ILE C 123 -13.21 -10.70 13.95
C ILE C 123 -14.37 -10.46 13.00
N LEU C 124 -14.95 -9.27 13.07
CA LEU C 124 -16.18 -8.95 12.35
C LEU C 124 -16.01 -9.01 10.83
N SER C 125 -14.85 -8.57 10.34
CA SER C 125 -14.58 -8.58 8.91
C SER C 125 -13.08 -8.77 8.65
N GLY C 126 -12.76 -9.41 7.54
CA GLY C 126 -11.37 -9.67 7.19
C GLY C 126 -10.92 -11.04 7.63
N GLY C 127 -9.78 -11.47 7.12
CA GLY C 127 -9.25 -12.78 7.45
C GLY C 127 -7.99 -12.72 8.31
N VAL C 128 -7.30 -13.84 8.41
CA VAL C 128 -6.09 -13.94 9.23
C VAL C 128 -4.92 -14.43 8.40
N TYR C 129 -3.78 -13.73 8.51
CA TYR C 129 -2.56 -14.12 7.82
C TYR C 129 -1.40 -14.25 8.79
N ILE C 130 -0.93 -15.47 8.98
CA ILE C 130 0.20 -15.74 9.86
C ILE C 130 1.22 -16.61 9.15
N GLU C 131 2.27 -16.00 8.60
CA GLU C 131 3.26 -16.74 7.83
C GLU C 131 4.70 -16.31 8.09
N LYS C 132 5.62 -17.25 7.85
CA LYS C 132 7.06 -17.00 7.91
C LYS C 132 7.53 -16.45 9.26
N ASN C 133 7.02 -17.05 10.33
CA ASN C 133 7.51 -16.78 11.67
C ASN C 133 8.21 -18.02 12.20
N ASP C 134 9.54 -18.00 12.14
CA ASP C 134 10.40 -19.17 12.36
C ASP C 134 10.12 -19.92 13.67
N LYS C 135 9.90 -19.19 14.76
CA LYS C 135 9.75 -19.85 16.06
C LYS C 135 8.39 -19.65 16.73
N LEU C 136 7.41 -19.18 15.97
CA LEU C 136 6.05 -19.01 16.49
C LEU C 136 5.28 -20.32 16.45
N CYS C 137 4.76 -20.74 17.60
CA CYS C 137 4.09 -22.03 17.71
C CYS C 137 2.60 -21.91 18.07
N HIS C 138 1.93 -23.05 18.10
CA HIS C 138 0.55 -23.17 18.58
C HIS C 138 -0.51 -22.47 17.72
N MET C 139 -0.07 -21.77 16.68
CA MET C 139 -1.00 -21.05 15.81
C MET C 139 -1.78 -21.98 14.90
N ASP C 140 -1.26 -23.19 14.69
CA ASP C 140 -1.90 -24.16 13.81
C ASP C 140 -2.96 -24.99 14.54
N THR C 141 -3.11 -24.75 15.84
CA THR C 141 -4.05 -25.51 16.65
C THR C 141 -5.35 -24.73 16.90
N ILE C 142 -5.28 -23.42 16.70
CA ILE C 142 -6.43 -22.55 16.97
C ILE C 142 -7.51 -22.64 15.89
N ASP C 143 -8.75 -22.85 16.33
CA ASP C 143 -9.89 -22.86 15.42
C ASP C 143 -10.27 -21.43 15.05
N TRP C 144 -9.72 -20.95 13.94
CA TRP C 144 -9.92 -19.56 13.53
C TRP C 144 -11.33 -19.28 13.02
N ARG C 145 -12.04 -20.32 12.60
CA ARG C 145 -13.41 -20.17 12.15
C ARG C 145 -14.35 -19.81 13.30
N ASP C 146 -13.94 -20.14 14.52
CA ASP C 146 -14.69 -19.81 15.72
C ASP C 146 -14.58 -18.31 16.01
N ILE C 147 -13.52 -17.70 15.50
CA ILE C 147 -13.26 -16.29 15.74
C ILE C 147 -13.71 -15.42 14.57
N VAL C 148 -13.40 -15.85 13.35
CA VAL C 148 -13.72 -15.10 12.15
C VAL C 148 -15.19 -15.26 11.74
N ARG C 149 -15.93 -14.15 11.79
CA ARG C 149 -17.36 -14.16 11.49
C ARG C 149 -17.64 -14.41 10.01
N ASP C 150 -16.93 -13.70 9.14
CA ASP C 150 -17.17 -13.80 7.70
C ASP C 150 -16.66 -15.11 7.12
N ARG C 151 -17.56 -15.90 6.58
CA ARG C 151 -17.23 -17.17 6.01
C ARG C 151 -16.42 -17.09 4.75
N ASP C 152 -16.47 -15.96 4.08
CA ASP C 152 -15.70 -15.77 2.89
C ASP C 152 -14.30 -15.22 3.10
N ALA C 153 -13.91 -14.95 4.33
CA ALA C 153 -12.60 -14.43 4.60
C ALA C 153 -11.53 -15.47 4.58
N GLU C 154 -10.37 -15.10 4.15
CA GLU C 154 -9.28 -16.04 3.97
C GLU C 154 -8.52 -16.28 5.24
N ILE C 155 -8.25 -17.52 5.58
CA ILE C 155 -7.42 -17.78 6.72
C ILE C 155 -6.15 -18.48 6.34
N VAL C 156 -5.02 -17.85 6.44
CA VAL C 156 -3.80 -18.52 6.01
C VAL C 156 -2.78 -18.60 7.11
N VAL C 157 -2.67 -19.76 7.73
CA VAL C 157 -1.75 -19.91 8.80
C VAL C 157 -0.90 -21.08 8.47
N LYS C 158 0.32 -20.83 8.10
CA LYS C 158 1.19 -21.89 7.69
C LYS C 158 2.59 -21.41 7.70
N ASP C 159 3.50 -22.36 7.54
CA ASP C 159 4.93 -22.10 7.41
C ASP C 159 5.51 -21.30 8.59
N ASN C 160 5.17 -21.73 9.80
CA ASN C 160 5.75 -21.14 11.00
C ASN C 160 6.64 -22.14 11.73
N GLY C 161 6.68 -22.04 13.05
CA GLY C 161 7.51 -22.91 13.88
C GLY C 161 7.34 -24.38 13.59
N ARG C 162 8.44 -25.11 13.53
CA ARG C 162 8.43 -26.52 13.18
C ARG C 162 8.71 -27.43 14.38
N SER C 163 9.66 -27.03 15.22
CA SER C 163 9.96 -27.80 16.42
C SER C 163 9.20 -27.23 17.61
N CYS C 164 7.89 -27.48 17.64
CA CYS C 164 7.01 -26.90 18.64
C CYS C 164 6.54 -27.91 19.69
N PRO C 165 6.44 -27.46 20.95
CA PRO C 165 5.94 -28.29 22.05
C PRO C 165 4.46 -28.61 21.89
N PRO C 166 4.04 -29.79 22.36
CA PRO C 166 2.63 -30.20 22.29
C PRO C 166 1.74 -29.27 23.12
N CYS C 167 0.49 -29.12 22.69
CA CYS C 167 -0.46 -28.27 23.42
C CYS C 167 -0.87 -28.95 24.73
N HIS C 168 -0.95 -28.18 25.80
CA HIS C 168 -1.26 -28.68 27.13
C HIS C 168 -2.56 -29.49 27.13
N GLU C 169 -2.61 -30.51 27.98
CA GLU C 169 -3.74 -31.44 28.01
C GLU C 169 -5.06 -30.78 28.40
N VAL C 170 -4.99 -29.69 29.15
CA VAL C 170 -6.18 -28.96 29.58
C VAL C 170 -6.82 -28.25 28.39
N CYS C 171 -5.98 -27.79 27.46
CA CYS C 171 -6.44 -27.01 26.31
C CYS C 171 -7.21 -27.84 25.28
N LYS C 172 -7.12 -29.16 25.40
CA LYS C 172 -7.80 -30.09 24.50
C LYS C 172 -7.43 -29.89 23.02
N GLY C 173 -6.17 -29.56 22.77
CA GLY C 173 -5.65 -29.47 21.42
C GLY C 173 -5.70 -28.10 20.79
N ARG C 174 -6.21 -27.11 21.53
CA ARG C 174 -6.28 -25.75 21.02
C ARG C 174 -5.77 -24.74 22.04
N CYS C 175 -4.71 -24.02 21.69
CA CYS C 175 -4.06 -23.12 22.63
C CYS C 175 -3.29 -21.98 21.96
N TRP C 176 -3.06 -20.91 22.71
CA TRP C 176 -2.27 -19.78 22.24
C TRP C 176 -0.84 -19.89 22.74
N GLY C 177 -0.66 -20.71 23.77
CA GLY C 177 0.66 -20.97 24.34
C GLY C 177 0.75 -22.38 24.88
N PRO C 178 1.91 -22.75 25.43
CA PRO C 178 2.12 -24.10 25.96
C PRO C 178 1.57 -24.28 27.36
N GLY C 179 1.11 -23.18 27.97
CA GLY C 179 0.64 -23.22 29.35
C GLY C 179 -0.75 -23.81 29.51
N SER C 180 -1.17 -23.96 30.77
CA SER C 180 -2.49 -24.50 31.08
C SER C 180 -3.55 -23.41 31.14
N GLU C 181 -3.10 -22.16 31.18
CA GLU C 181 -4.02 -21.02 31.17
C GLU C 181 -3.98 -20.31 29.83
N ASP C 182 -3.27 -20.91 28.88
CA ASP C 182 -3.07 -20.30 27.56
C ASP C 182 -3.99 -20.93 26.53
N CYS C 183 -4.97 -21.69 27.04
CA CYS C 183 -5.89 -22.41 26.19
C CYS C 183 -6.84 -21.46 25.46
N GLN C 184 -7.35 -21.92 24.31
CA GLN C 184 -8.34 -21.16 23.56
C GLN C 184 -9.73 -21.58 23.99
N THR C 185 -10.58 -20.60 24.29
CA THR C 185 -11.96 -20.86 24.68
C THR C 185 -12.91 -20.63 23.50
N LEU C 186 -13.48 -21.72 23.00
CA LEU C 186 -14.41 -21.66 21.88
C LEU C 186 -15.73 -21.02 22.29
N THR C 187 -16.25 -20.13 21.44
CA THR C 187 -17.46 -19.39 21.78
C THR C 187 -18.60 -19.54 20.78
N LYS C 188 -18.27 -19.91 19.54
CA LYS C 188 -19.30 -20.13 18.52
C LYS C 188 -20.24 -21.23 18.97
N THR C 189 -21.53 -20.90 19.01
CA THR C 189 -22.54 -21.85 19.44
C THR C 189 -23.63 -22.04 18.40
N ILE C 190 -24.48 -23.03 18.65
CA ILE C 190 -25.58 -23.31 17.75
C ILE C 190 -26.85 -22.66 18.27
N CYS C 191 -27.37 -21.71 17.50
CA CYS C 191 -28.60 -21.05 17.90
C CYS C 191 -29.73 -21.30 16.91
N ALA C 192 -30.94 -20.99 17.35
CA ALA C 192 -32.16 -21.17 16.58
C ALA C 192 -32.22 -20.17 15.42
N PRO C 193 -33.18 -20.34 14.48
CA PRO C 193 -33.29 -19.44 13.33
C PRO C 193 -33.70 -18.01 13.67
N GLN C 194 -34.39 -17.82 14.79
CA GLN C 194 -34.92 -16.50 15.14
C GLN C 194 -33.82 -15.47 15.25
N CYS C 195 -32.66 -15.90 15.75
CA CYS C 195 -31.49 -15.04 15.81
C CYS C 195 -30.76 -15.11 14.47
N ASN C 196 -30.38 -13.96 13.93
CA ASN C 196 -29.70 -13.91 12.65
C ASN C 196 -28.19 -14.15 12.77
N GLY C 197 -27.83 -15.24 13.44
CA GLY C 197 -26.43 -15.57 13.65
C GLY C 197 -25.87 -14.90 14.89
N HIS C 198 -26.74 -14.27 15.66
CA HIS C 198 -26.35 -13.59 16.89
C HIS C 198 -27.04 -14.22 18.09
N CYS C 199 -26.38 -15.19 18.70
CA CYS C 199 -26.92 -15.89 19.86
C CYS C 199 -25.86 -16.11 20.92
N PHE C 200 -26.31 -16.27 22.17
CA PHE C 200 -25.43 -16.62 23.29
C PHE C 200 -25.85 -17.97 23.86
N GLY C 201 -26.99 -18.46 23.37
CA GLY C 201 -27.49 -19.77 23.71
C GLY C 201 -28.31 -20.35 22.55
N PRO C 202 -28.78 -21.60 22.69
CA PRO C 202 -29.57 -22.27 21.65
C PRO C 202 -31.07 -21.99 21.67
N ASN C 203 -31.59 -21.54 22.81
CA ASN C 203 -33.00 -21.17 22.93
C ASN C 203 -33.34 -19.93 22.07
N PRO C 204 -34.46 -19.98 21.32
CA PRO C 204 -34.91 -18.85 20.49
C PRO C 204 -35.07 -17.55 21.26
N ASN C 205 -35.26 -17.65 22.57
CA ASN C 205 -35.35 -16.49 23.44
C ASN C 205 -34.01 -16.27 24.13
N GLN C 206 -32.94 -16.63 23.41
CA GLN C 206 -31.57 -16.39 23.85
C GLN C 206 -30.73 -15.83 22.71
N CYS C 207 -31.25 -14.83 22.00
CA CYS C 207 -30.47 -14.17 20.95
C CYS C 207 -29.75 -12.97 21.54
N CYS C 208 -28.80 -12.43 20.80
CA CYS C 208 -28.09 -11.24 21.22
C CYS C 208 -28.98 -10.02 21.04
N HIS C 209 -28.60 -8.92 21.68
CA HIS C 209 -29.33 -7.67 21.53
C HIS C 209 -29.17 -7.17 20.09
N ASP C 210 -30.13 -6.38 19.63
CA ASP C 210 -30.10 -5.87 18.25
C ASP C 210 -28.93 -4.92 18.01
N GLU C 211 -28.32 -4.45 19.09
CA GLU C 211 -27.21 -3.51 18.99
C GLU C 211 -25.84 -4.20 19.03
N CYS C 212 -25.86 -5.53 19.01
CA CYS C 212 -24.62 -6.29 18.99
C CYS C 212 -24.14 -6.49 17.56
N ALA C 213 -22.86 -6.17 17.31
CA ALA C 213 -22.28 -6.29 15.99
C ALA C 213 -22.18 -7.75 15.55
N GLY C 214 -21.77 -8.61 16.48
CA GLY C 214 -21.64 -10.03 16.20
C GLY C 214 -22.22 -10.88 17.33
N GLY C 215 -21.35 -11.55 18.05
CA GLY C 215 -21.76 -12.40 19.16
C GLY C 215 -21.95 -11.61 20.44
N CYS C 216 -22.34 -12.31 21.50
CA CYS C 216 -22.58 -11.69 22.79
C CYS C 216 -22.41 -12.70 23.93
N SER C 217 -22.32 -12.18 25.15
CA SER C 217 -22.22 -13.02 26.34
C SER C 217 -23.59 -13.20 26.98
N GLY C 218 -24.51 -12.28 26.66
CA GLY C 218 -25.86 -12.33 27.18
C GLY C 218 -26.85 -11.58 26.31
N PRO C 219 -28.10 -11.46 26.78
CA PRO C 219 -29.21 -10.88 26.02
C PRO C 219 -29.33 -9.36 26.12
N GLN C 220 -28.47 -8.71 26.91
CA GLN C 220 -28.66 -7.28 27.18
C GLN C 220 -27.84 -6.30 26.35
N ASP C 221 -28.20 -5.02 26.48
CA ASP C 221 -27.45 -3.88 25.95
C ASP C 221 -25.95 -4.00 26.25
N THR C 222 -25.65 -4.53 27.44
CA THR C 222 -24.31 -4.49 28.01
C THR C 222 -23.55 -5.79 27.84
N ASP C 223 -24.08 -6.68 27.00
CA ASP C 223 -23.53 -8.03 26.86
C ASP C 223 -22.90 -8.30 25.50
N CYS C 224 -22.76 -7.26 24.69
CA CYS C 224 -22.19 -7.42 23.35
C CYS C 224 -20.68 -7.57 23.39
N PHE C 225 -20.13 -8.24 22.38
CA PHE C 225 -18.69 -8.30 22.21
C PHE C 225 -18.22 -7.01 21.55
N ALA C 226 -19.06 -6.49 20.66
CA ALA C 226 -18.79 -5.24 19.97
C ALA C 226 -20.11 -4.55 19.63
N CYS C 227 -20.13 -3.22 19.70
CA CYS C 227 -21.34 -2.46 19.43
C CYS C 227 -21.58 -2.27 17.94
N ARG C 228 -22.84 -2.35 17.53
CA ARG C 228 -23.20 -2.20 16.13
C ARG C 228 -23.14 -0.74 15.71
N HIS C 229 -23.28 0.16 16.68
CA HIS C 229 -23.22 1.60 16.39
C HIS C 229 -22.32 2.34 17.38
N PHE C 230 -22.82 2.59 18.58
CA PHE C 230 -22.07 3.35 19.59
C PHE C 230 -22.05 2.63 20.94
N ASN C 231 -21.11 3.04 21.79
CA ASN C 231 -21.04 2.54 23.16
C ASN C 231 -21.21 3.69 24.15
N ASP C 232 -22.19 3.56 25.03
CA ASP C 232 -22.46 4.59 26.04
C ASP C 232 -22.23 4.04 27.44
N SER C 233 -21.01 4.19 27.94
CA SER C 233 -20.65 3.79 29.31
C SER C 233 -20.97 2.33 29.62
N GLY C 234 -20.88 1.46 28.61
CA GLY C 234 -21.12 0.05 28.80
C GLY C 234 -22.25 -0.52 27.97
N ALA C 235 -23.14 0.35 27.49
CA ALA C 235 -24.30 -0.08 26.72
C ALA C 235 -24.18 0.28 25.25
N CYS C 236 -24.52 -0.66 24.38
CA CYS C 236 -24.53 -0.42 22.95
C CYS C 236 -25.81 0.29 22.53
N VAL C 237 -25.67 1.53 22.07
CA VAL C 237 -26.82 2.36 21.74
C VAL C 237 -26.87 2.75 20.27
N PRO C 238 -28.07 2.91 19.71
CA PRO C 238 -28.24 3.35 18.32
C PRO C 238 -27.67 4.74 18.12
N ARG C 239 -27.85 5.61 19.11
CA ARG C 239 -27.37 6.98 19.04
C ARG C 239 -26.91 7.47 20.40
N CYS C 240 -26.02 8.47 20.39
CA CYS C 240 -25.59 9.11 21.63
C CYS C 240 -26.67 10.08 22.08
N PRO C 241 -26.80 10.28 23.41
CA PRO C 241 -27.82 11.16 23.99
C PRO C 241 -27.87 12.54 23.33
N GLN C 242 -29.05 12.91 22.85
CA GLN C 242 -29.25 14.15 22.10
C GLN C 242 -28.80 15.39 22.87
N PRO C 243 -28.30 16.40 22.13
CA PRO C 243 -27.84 17.65 22.74
C PRO C 243 -28.99 18.48 23.29
N LEU C 244 -30.14 18.42 22.63
CA LEU C 244 -31.30 19.21 23.03
C LEU C 244 -32.46 18.33 23.48
N VAL C 245 -33.23 18.83 24.45
CA VAL C 245 -34.38 18.11 24.98
C VAL C 245 -35.53 19.07 25.25
N TYR C 246 -36.72 18.71 24.78
CA TYR C 246 -37.91 19.54 24.98
C TYR C 246 -38.36 19.53 26.44
N ASN C 247 -38.43 20.71 27.04
CA ASN C 247 -38.89 20.85 28.42
C ASN C 247 -40.36 21.23 28.46
N LYS C 248 -41.16 20.44 29.16
CA LYS C 248 -42.60 20.64 29.20
C LYS C 248 -43.01 21.91 29.94
N LEU C 249 -42.15 22.39 30.82
CA LEU C 249 -42.46 23.57 31.62
C LEU C 249 -42.04 24.89 30.98
N THR C 250 -41.04 24.84 30.10
CA THR C 250 -40.57 26.05 29.44
C THR C 250 -41.02 26.08 27.97
N PHE C 251 -41.59 24.97 27.51
CA PHE C 251 -42.19 24.87 26.18
C PHE C 251 -41.22 25.12 25.03
N GLN C 252 -39.95 24.77 25.22
CA GLN C 252 -38.95 24.89 24.16
C GLN C 252 -37.79 23.93 24.39
N LEU C 253 -36.94 23.80 23.39
CA LEU C 253 -35.78 22.90 23.46
C LEU C 253 -34.72 23.43 24.41
N GLU C 254 -34.39 22.63 25.42
CA GLU C 254 -33.36 22.97 26.38
C GLU C 254 -32.20 22.00 26.28
N PRO C 255 -30.97 22.46 26.60
CA PRO C 255 -29.79 21.59 26.55
C PRO C 255 -29.89 20.41 27.52
N ASN C 256 -29.67 19.21 26.99
CA ASN C 256 -29.74 17.99 27.79
C ASN C 256 -28.50 17.81 28.66
N PRO C 257 -28.70 17.56 29.96
CA PRO C 257 -27.59 17.35 30.90
C PRO C 257 -26.79 16.09 30.59
N HIS C 258 -27.46 15.08 30.03
CA HIS C 258 -26.82 13.80 29.76
C HIS C 258 -26.16 13.76 28.37
N THR C 259 -25.95 14.93 27.79
CA THR C 259 -25.42 15.04 26.43
C THR C 259 -24.03 14.40 26.27
N LYS C 260 -23.88 13.59 25.24
CA LYS C 260 -22.59 13.02 24.87
C LYS C 260 -22.40 13.13 23.36
N TYR C 261 -21.14 13.20 22.93
CA TYR C 261 -20.84 13.41 21.51
C TYR C 261 -20.20 12.19 20.88
N GLN C 262 -20.23 12.14 19.55
CA GLN C 262 -19.72 10.99 18.80
C GLN C 262 -18.24 11.09 18.47
N TYR C 263 -17.44 10.24 19.10
CA TYR C 263 -16.03 10.13 18.76
C TYR C 263 -15.75 8.69 18.33
N GLY C 264 -15.86 8.45 17.03
CA GLY C 264 -15.72 7.09 16.51
C GLY C 264 -16.98 6.28 16.79
N GLY C 265 -16.85 5.31 17.68
CA GLY C 265 -17.99 4.48 18.06
C GLY C 265 -18.24 4.53 19.56
N VAL C 266 -17.76 5.58 20.20
CA VAL C 266 -17.91 5.73 21.65
C VAL C 266 -18.57 7.07 21.99
N CYS C 267 -19.51 7.04 22.92
CA CYS C 267 -20.18 8.26 23.38
C CYS C 267 -19.38 8.91 24.51
N VAL C 268 -18.80 10.06 24.22
CA VAL C 268 -17.98 10.77 25.19
C VAL C 268 -18.59 12.10 25.62
N ALA C 269 -18.34 12.49 26.87
CA ALA C 269 -18.88 13.75 27.40
C ALA C 269 -18.12 14.95 26.84
N SER C 270 -16.84 14.73 26.52
CA SER C 270 -16.00 15.80 25.97
C SER C 270 -14.98 15.26 24.98
N CYS C 271 -14.79 16.00 23.88
CA CYS C 271 -13.83 15.61 22.85
C CYS C 271 -12.40 15.79 23.35
N PRO C 272 -11.45 15.04 22.77
CA PRO C 272 -10.03 15.13 23.13
C PRO C 272 -9.44 16.53 22.93
N HIS C 273 -8.15 16.67 23.25
CA HIS C 273 -7.47 17.96 23.25
C HIS C 273 -7.59 18.74 21.95
N ASN C 274 -7.31 18.09 20.83
CA ASN C 274 -7.36 18.76 19.53
C ASN C 274 -8.57 18.33 18.69
N PHE C 275 -9.74 18.37 19.30
CA PHE C 275 -10.97 18.04 18.61
C PHE C 275 -12.09 19.02 18.95
N VAL C 276 -12.80 19.48 17.91
CA VAL C 276 -13.93 20.37 18.10
C VAL C 276 -15.24 19.63 17.91
N VAL C 277 -16.31 20.18 18.49
CA VAL C 277 -17.63 19.58 18.34
C VAL C 277 -18.42 20.27 17.22
N ASP C 278 -18.63 19.55 16.13
CA ASP C 278 -19.57 19.99 15.11
C ASP C 278 -20.80 19.09 15.10
N GLN C 279 -21.98 19.69 15.18
CA GLN C 279 -23.23 18.94 15.26
C GLN C 279 -23.19 18.05 16.49
N THR C 280 -23.20 16.75 16.24
CA THR C 280 -23.24 15.73 17.27
C THR C 280 -21.90 15.01 17.48
N SER C 281 -20.92 15.33 16.65
CA SER C 281 -19.69 14.53 16.63
C SER C 281 -18.40 15.33 16.84
N CYS C 282 -17.38 14.64 17.31
CA CYS C 282 -16.05 15.23 17.48
C CYS C 282 -15.29 15.15 16.16
N VAL C 283 -14.81 16.28 15.69
CA VAL C 283 -14.10 16.31 14.41
C VAL C 283 -12.72 16.95 14.52
N ARG C 284 -11.87 16.66 13.54
CA ARG C 284 -10.50 17.15 13.53
C ARG C 284 -10.44 18.66 13.37
N ALA C 285 -11.29 19.19 12.49
CA ALA C 285 -11.32 20.62 12.22
C ALA C 285 -12.73 21.09 11.87
N CYS C 286 -12.96 22.40 11.99
CA CYS C 286 -14.27 22.99 11.71
C CYS C 286 -14.43 23.21 10.21
N PRO C 287 -15.65 22.93 9.69
CA PRO C 287 -15.95 23.11 8.27
C PRO C 287 -15.87 24.59 7.84
N PRO C 288 -15.65 24.84 6.54
CA PRO C 288 -15.50 26.20 6.02
C PRO C 288 -16.71 27.11 6.28
N ASP C 289 -17.88 26.51 6.50
CA ASP C 289 -19.10 27.28 6.70
C ASP C 289 -19.35 27.62 8.17
N LYS C 290 -18.56 27.05 9.07
CA LYS C 290 -18.73 27.29 10.49
C LYS C 290 -17.45 27.76 11.16
N MET C 291 -17.59 28.39 12.33
CA MET C 291 -16.44 28.89 13.06
C MET C 291 -16.38 28.32 14.48
N GLU C 292 -15.21 28.42 15.10
CA GLU C 292 -14.97 27.84 16.42
C GLU C 292 -15.32 28.81 17.54
N VAL C 293 -16.23 28.40 18.42
CA VAL C 293 -16.67 29.24 19.53
C VAL C 293 -16.77 28.41 20.81
N ASP C 294 -16.49 29.04 21.96
CA ASP C 294 -16.54 28.38 23.24
C ASP C 294 -17.94 28.41 23.87
N LYS C 295 -18.52 27.22 24.04
CA LYS C 295 -19.85 27.07 24.61
C LYS C 295 -19.84 26.04 25.74
N ASN C 296 -20.35 26.43 26.90
CA ASN C 296 -20.38 25.58 28.10
C ASN C 296 -19.12 24.74 28.36
N GLY C 297 -17.96 25.36 28.16
CA GLY C 297 -16.69 24.74 28.45
C GLY C 297 -16.03 24.09 27.25
N LEU C 298 -16.82 23.82 26.22
CA LEU C 298 -16.33 23.09 25.06
C LEU C 298 -16.22 23.97 23.81
N LYS C 299 -15.32 23.58 22.91
CA LYS C 299 -15.15 24.27 21.64
C LYS C 299 -16.14 23.72 20.62
N MET C 300 -17.19 24.48 20.34
CA MET C 300 -18.23 24.05 19.39
C MET C 300 -18.12 24.78 18.07
N CYS C 301 -18.69 24.18 17.02
CA CYS C 301 -18.73 24.81 15.71
C CYS C 301 -20.10 25.42 15.43
N GLU C 302 -20.12 26.72 15.16
CA GLU C 302 -21.36 27.42 14.86
C GLU C 302 -21.25 28.19 13.55
N PRO C 303 -22.34 28.21 12.76
CA PRO C 303 -22.38 28.91 11.47
C PRO C 303 -22.03 30.40 11.60
N CYS C 304 -21.16 30.90 10.71
CA CYS C 304 -20.59 32.23 10.83
C CYS C 304 -21.59 33.39 10.70
N GLY C 305 -22.77 33.10 10.17
CA GLY C 305 -23.75 34.15 9.91
C GLY C 305 -23.29 35.04 8.78
N GLY C 306 -22.94 34.43 7.65
CA GLY C 306 -22.39 35.16 6.52
C GLY C 306 -21.11 34.48 6.05
N LEU C 307 -19.99 35.15 6.25
CA LEU C 307 -18.69 34.55 5.95
C LEU C 307 -17.81 34.44 7.21
N CYS C 308 -16.86 33.54 7.21
CA CYS C 308 -16.02 33.33 8.39
C CYS C 308 -14.90 34.34 8.47
N PRO C 309 -14.51 34.72 9.69
CA PRO C 309 -13.38 35.63 9.92
C PRO C 309 -12.10 35.04 9.35
N LYS C 310 -11.37 35.83 8.58
CA LYS C 310 -10.11 35.39 8.01
C LYS C 310 -9.09 36.51 8.17
N ALA C 311 -7.88 36.16 8.58
CA ALA C 311 -6.84 37.15 8.83
C ALA C 311 -5.71 37.05 7.82
N CYS C 312 -5.42 38.15 7.15
CA CYS C 312 -4.35 38.21 6.15
C CYS C 312 -3.27 39.19 6.59
N GLU C 313 -2.04 38.96 6.14
CA GLU C 313 -0.96 39.90 6.41
C GLU C 313 -1.06 41.10 5.50
N GLY C 314 -0.62 42.26 6.00
CA GLY C 314 -0.73 43.50 5.24
C GLY C 314 0.55 43.88 4.53
N THR C 315 0.72 45.18 4.29
CA THR C 315 1.88 45.70 3.59
C THR C 315 2.58 46.77 4.41
N GLY C 316 3.56 47.43 3.80
CA GLY C 316 4.26 48.54 4.44
C GLY C 316 5.21 48.12 5.54
N SER C 317 5.05 48.74 6.71
CA SER C 317 5.93 48.50 7.85
C SER C 317 5.85 47.06 8.34
N GLY C 318 6.99 46.37 8.32
CA GLY C 318 7.04 45.00 8.79
C GLY C 318 6.44 44.00 7.83
N SER C 319 6.83 44.09 6.56
CA SER C 319 6.32 43.20 5.53
C SER C 319 7.23 43.17 4.31
N ARG C 320 6.90 42.31 3.34
CA ARG C 320 7.70 42.16 2.14
C ARG C 320 7.20 43.06 1.00
N PHE C 321 5.95 43.50 1.10
CA PHE C 321 5.37 44.39 0.10
C PHE C 321 5.25 45.81 0.65
N GLN C 322 5.69 46.79 -0.14
CA GLN C 322 5.59 48.18 0.27
C GLN C 322 4.27 48.79 -0.19
N THR C 323 3.59 48.08 -1.08
CA THR C 323 2.29 48.50 -1.59
C THR C 323 1.56 47.32 -2.21
N VAL C 324 0.24 47.36 -2.19
CA VAL C 324 -0.56 46.32 -2.82
C VAL C 324 -0.52 46.49 -4.34
N ASP C 325 -0.33 45.39 -5.05
CA ASP C 325 -0.24 45.43 -6.51
C ASP C 325 -0.89 44.21 -7.15
N SER C 326 -0.55 43.97 -8.41
CA SER C 326 -1.15 42.88 -9.18
C SER C 326 -0.82 41.51 -8.59
N SER C 327 0.31 41.42 -7.90
CA SER C 327 0.76 40.15 -7.34
C SER C 327 0.32 39.97 -5.89
N ASN C 328 -0.34 40.99 -5.33
CA ASN C 328 -0.77 40.95 -3.93
C ASN C 328 -2.27 40.87 -3.77
N ILE C 329 -3.00 41.58 -4.62
CA ILE C 329 -4.44 41.79 -4.47
C ILE C 329 -5.25 40.49 -4.32
N ASP C 330 -4.79 39.41 -4.95
CA ASP C 330 -5.51 38.14 -4.91
C ASP C 330 -5.43 37.45 -3.54
N GLY C 331 -4.49 37.90 -2.72
CA GLY C 331 -4.29 37.28 -1.42
C GLY C 331 -5.24 37.78 -0.34
N PHE C 332 -6.00 38.82 -0.66
CA PHE C 332 -6.93 39.42 0.29
C PHE C 332 -8.36 38.96 0.10
N VAL C 333 -8.54 37.83 -0.60
CA VAL C 333 -9.88 37.31 -0.87
C VAL C 333 -10.56 36.79 0.40
N ASN C 334 -11.78 37.26 0.62
CA ASN C 334 -12.58 36.88 1.80
C ASN C 334 -11.90 37.21 3.12
N CYS C 335 -11.08 38.27 3.11
CA CYS C 335 -10.35 38.69 4.30
C CYS C 335 -11.16 39.72 5.09
N THR C 336 -11.35 39.46 6.37
CA THR C 336 -12.12 40.35 7.23
C THR C 336 -11.24 41.20 8.13
N LYS C 337 -10.09 40.64 8.52
CA LYS C 337 -9.14 41.32 9.38
C LYS C 337 -7.76 41.31 8.76
N ILE C 338 -7.09 42.46 8.75
CA ILE C 338 -5.76 42.56 8.16
C ILE C 338 -4.67 42.78 9.20
N LEU C 339 -3.82 41.78 9.36
CA LEU C 339 -2.73 41.84 10.32
C LEU C 339 -1.60 42.70 9.78
N GLY C 340 -1.70 44.01 10.02
CA GLY C 340 -0.73 44.94 9.52
C GLY C 340 -1.39 46.15 8.88
N ASN C 341 -0.80 46.63 7.79
CA ASN C 341 -1.27 47.86 7.16
C ASN C 341 -1.68 47.65 5.71
N LEU C 342 -2.28 48.69 5.13
CA LEU C 342 -2.58 48.69 3.71
C LEU C 342 -1.96 49.92 3.05
N ASP C 343 -1.15 49.70 2.02
CA ASP C 343 -0.49 50.78 1.33
C ASP C 343 -0.91 50.82 -0.15
N PHE C 344 -1.38 51.99 -0.58
CA PHE C 344 -1.73 52.21 -1.98
C PHE C 344 -0.84 53.31 -2.55
N LEU C 345 0.26 52.90 -3.18
CA LEU C 345 1.22 53.85 -3.73
C LEU C 345 1.04 54.04 -5.23
N ILE C 346 1.70 55.06 -5.77
CA ILE C 346 1.63 55.39 -7.20
C ILE C 346 2.07 54.21 -8.06
N THR C 347 3.21 53.62 -7.70
CA THR C 347 3.76 52.50 -8.45
C THR C 347 2.91 51.24 -8.30
N GLY C 348 2.25 51.10 -7.16
CA GLY C 348 1.41 49.94 -6.91
C GLY C 348 0.13 49.95 -7.74
N LEU C 349 -0.40 51.15 -7.97
CA LEU C 349 -1.65 51.30 -8.70
C LEU C 349 -1.42 51.35 -10.20
N ASN C 350 -0.32 51.94 -10.61
CA ASN C 350 -0.04 52.15 -12.03
C ASN C 350 0.95 51.16 -12.62
N GLY C 351 1.55 50.33 -11.76
CA GLY C 351 2.49 49.32 -12.21
C GLY C 351 3.93 49.69 -11.90
N ASP C 352 4.76 48.66 -11.71
CA ASP C 352 6.18 48.87 -11.42
C ASP C 352 7.03 48.25 -12.53
N PRO C 353 7.56 49.09 -13.42
CA PRO C 353 8.36 48.63 -14.56
C PRO C 353 9.69 48.02 -14.13
N TRP C 354 10.23 48.52 -13.01
CA TRP C 354 11.52 48.05 -12.51
C TRP C 354 11.45 46.60 -12.05
N HIS C 355 10.33 46.24 -11.43
CA HIS C 355 10.14 44.88 -10.93
C HIS C 355 9.17 44.09 -11.82
N LYS C 356 8.88 44.67 -13.00
CA LYS C 356 8.02 44.03 -13.99
C LYS C 356 6.65 43.61 -13.45
N ILE C 357 6.01 44.53 -12.72
CA ILE C 357 4.67 44.27 -12.18
C ILE C 357 3.65 45.15 -12.88
N PRO C 358 2.67 44.53 -13.55
CA PRO C 358 1.66 45.24 -14.36
C PRO C 358 0.79 46.18 -13.51
N ALA C 359 0.06 47.06 -14.19
CA ALA C 359 -0.83 47.99 -13.51
C ALA C 359 -1.98 47.24 -12.86
N LEU C 360 -2.53 47.82 -11.80
CA LEU C 360 -3.59 47.17 -11.02
C LEU C 360 -4.95 47.36 -11.67
N ASP C 361 -5.71 46.28 -11.75
CA ASP C 361 -7.08 46.33 -12.28
C ASP C 361 -8.03 46.83 -11.20
N PRO C 362 -8.63 48.01 -11.43
CA PRO C 362 -9.52 48.67 -10.48
C PRO C 362 -10.63 47.77 -9.94
N GLU C 363 -11.14 46.86 -10.77
CA GLU C 363 -12.20 45.95 -10.35
C GLU C 363 -11.75 44.97 -9.28
N LYS C 364 -10.44 44.74 -9.20
CA LYS C 364 -9.89 43.85 -8.19
C LYS C 364 -9.84 44.50 -6.81
N LEU C 365 -10.02 45.82 -6.77
CA LEU C 365 -10.02 46.55 -5.50
C LEU C 365 -11.25 46.22 -4.66
N ASN C 366 -12.28 45.66 -5.30
CA ASN C 366 -13.50 45.26 -4.61
C ASN C 366 -13.27 44.08 -3.65
N VAL C 367 -12.04 43.60 -3.58
CA VAL C 367 -11.68 42.49 -2.71
C VAL C 367 -11.65 42.94 -1.25
N PHE C 368 -11.52 44.25 -1.04
CA PHE C 368 -11.42 44.80 0.31
C PHE C 368 -12.77 45.09 0.94
N ARG C 369 -13.84 44.72 0.25
CA ARG C 369 -15.19 44.97 0.75
C ARG C 369 -15.55 44.09 1.94
N THR C 370 -14.80 43.01 2.13
CA THR C 370 -15.03 42.10 3.25
C THR C 370 -14.21 42.49 4.48
N VAL C 371 -13.24 43.38 4.30
CA VAL C 371 -12.36 43.79 5.38
C VAL C 371 -13.09 44.66 6.42
N ARG C 372 -13.10 44.19 7.66
CA ARG C 372 -13.76 44.92 8.74
C ARG C 372 -12.78 45.65 9.64
N GLU C 373 -11.56 45.14 9.74
CA GLU C 373 -10.56 45.72 10.63
C GLU C 373 -9.16 45.76 10.02
N ILE C 374 -8.48 46.89 10.19
CA ILE C 374 -7.07 47.00 9.85
C ILE C 374 -6.29 47.28 11.13
N THR C 375 -5.38 46.36 11.47
CA THR C 375 -4.64 46.46 12.71
C THR C 375 -3.68 47.66 12.72
N GLY C 376 -3.00 47.86 11.61
CA GLY C 376 -2.03 48.93 11.51
C GLY C 376 -2.62 50.22 10.96
N TYR C 377 -2.03 50.71 9.87
CA TYR C 377 -2.47 51.97 9.29
C TYR C 377 -3.10 51.77 7.91
N LEU C 378 -3.81 52.80 7.45
CA LEU C 378 -4.34 52.85 6.09
C LEU C 378 -3.68 54.00 5.35
N ASN C 379 -2.98 53.69 4.26
CA ASN C 379 -2.25 54.69 3.50
C ASN C 379 -2.66 54.71 2.03
N ILE C 380 -3.39 55.75 1.64
CA ILE C 380 -3.85 55.88 0.27
C ILE C 380 -3.23 57.10 -0.41
N GLN C 381 -2.34 56.86 -1.35
CA GLN C 381 -1.66 57.95 -2.06
C GLN C 381 -1.93 57.87 -3.57
N SER C 382 -2.71 56.88 -3.97
CA SER C 382 -3.05 56.70 -5.39
C SER C 382 -4.35 55.91 -5.52
N TRP C 383 -5.24 56.40 -6.38
CA TRP C 383 -6.55 55.80 -6.54
C TRP C 383 -7.04 56.01 -7.97
N PRO C 384 -7.69 54.99 -8.55
CA PRO C 384 -8.23 55.05 -9.92
C PRO C 384 -9.11 56.27 -10.14
N PRO C 385 -8.96 56.94 -11.30
CA PRO C 385 -9.65 58.19 -11.63
C PRO C 385 -11.18 58.08 -11.62
N HIS C 386 -11.71 56.96 -12.12
CA HIS C 386 -13.16 56.78 -12.20
C HIS C 386 -13.75 56.42 -10.83
N MET C 387 -12.90 56.02 -9.90
CA MET C 387 -13.34 55.74 -8.53
C MET C 387 -13.25 57.00 -7.68
N HIS C 388 -14.40 57.64 -7.47
CA HIS C 388 -14.44 58.93 -6.80
C HIS C 388 -14.64 58.82 -5.29
N ASN C 389 -14.52 57.61 -4.77
CA ASN C 389 -14.67 57.36 -3.34
C ASN C 389 -13.97 56.09 -2.91
N PHE C 390 -13.97 55.82 -1.60
CA PHE C 390 -13.40 54.60 -1.07
C PHE C 390 -14.49 53.69 -0.55
N SER C 391 -15.55 53.50 -1.34
CA SER C 391 -16.65 52.63 -0.97
C SER C 391 -16.21 51.17 -0.93
N VAL C 392 -15.01 50.91 -1.45
CA VAL C 392 -14.39 49.61 -1.37
C VAL C 392 -14.15 49.22 0.10
N PHE C 393 -13.91 50.22 0.94
CA PHE C 393 -13.75 50.00 2.38
C PHE C 393 -15.02 50.37 3.14
N SER C 394 -16.17 49.89 2.66
CA SER C 394 -17.45 50.23 3.25
C SER C 394 -17.82 49.35 4.45
N ASN C 395 -17.09 48.26 4.63
CA ASN C 395 -17.30 47.40 5.79
C ASN C 395 -16.21 47.59 6.85
N LEU C 396 -15.23 48.43 6.53
CA LEU C 396 -14.14 48.74 7.45
C LEU C 396 -14.68 49.46 8.68
N THR C 397 -14.53 48.83 9.85
CA THR C 397 -15.07 49.38 11.08
C THR C 397 -13.97 49.97 11.96
N THR C 398 -12.81 49.34 11.99
CA THR C 398 -11.75 49.74 12.91
C THR C 398 -10.38 49.85 12.25
N ILE C 399 -9.69 50.94 12.53
CA ILE C 399 -8.28 51.08 12.17
C ILE C 399 -7.46 51.20 13.46
N GLY C 400 -6.77 50.12 13.80
CA GLY C 400 -6.05 50.03 15.06
C GLY C 400 -4.98 51.08 15.27
N GLY C 401 -4.13 51.28 14.27
CA GLY C 401 -3.04 52.23 14.39
C GLY C 401 -1.94 51.68 15.28
N ARG C 402 -1.89 50.35 15.37
CA ARG C 402 -0.86 49.68 16.17
C ARG C 402 0.52 49.87 15.54
N SER C 403 0.54 50.11 14.24
CA SER C 403 1.75 50.48 13.53
C SER C 403 1.47 51.73 12.69
N LEU C 404 2.37 52.71 12.77
CA LEU C 404 2.13 54.01 12.15
C LEU C 404 2.96 54.25 10.90
N TYR C 405 2.58 55.28 10.14
CA TYR C 405 3.24 55.63 8.89
C TYR C 405 3.77 57.06 8.93
N ASN C 406 4.96 57.26 8.37
CA ASN C 406 5.61 58.56 8.34
C ASN C 406 5.76 59.18 9.72
N ARG C 407 5.17 60.36 9.92
CA ARG C 407 5.21 61.02 11.22
C ARG C 407 4.04 60.63 12.11
N GLY C 408 3.92 59.33 12.37
CA GLY C 408 2.91 58.80 13.27
C GLY C 408 1.49 58.89 12.77
N PHE C 409 1.28 58.54 11.51
CA PHE C 409 -0.06 58.57 10.93
C PHE C 409 -0.69 57.17 10.87
N SER C 410 -1.98 57.09 11.16
CA SER C 410 -2.71 55.83 11.08
C SER C 410 -3.68 55.85 9.91
N LEU C 411 -4.06 57.05 9.48
CA LEU C 411 -4.89 57.23 8.30
C LEU C 411 -4.28 58.32 7.43
N LEU C 412 -4.06 58.02 6.16
CA LEU C 412 -3.39 58.97 5.27
C LEU C 412 -3.97 58.97 3.86
N ILE C 413 -4.71 60.03 3.53
CA ILE C 413 -5.29 60.19 2.21
C ILE C 413 -4.59 61.36 1.51
N MET C 414 -3.73 61.07 0.54
CA MET C 414 -2.89 62.13 -0.03
C MET C 414 -2.98 62.25 -1.55
N LYS C 415 -3.07 63.49 -2.02
CA LYS C 415 -3.02 63.82 -3.45
C LYS C 415 -3.91 62.95 -4.33
N ASN C 416 -5.11 62.67 -3.86
CA ASN C 416 -6.10 61.96 -4.66
C ASN C 416 -7.07 62.96 -5.27
N LEU C 417 -6.72 63.45 -6.45
CA LEU C 417 -7.42 64.59 -7.06
C LEU C 417 -8.78 64.24 -7.64
N ASN C 418 -9.14 62.96 -7.67
CA ASN C 418 -10.41 62.54 -8.26
C ASN C 418 -11.45 62.10 -7.23
N VAL C 419 -11.05 61.98 -5.98
CA VAL C 419 -11.96 61.53 -4.93
C VAL C 419 -12.89 62.65 -4.45
N THR C 420 -14.18 62.38 -4.45
CA THR C 420 -15.18 63.39 -4.08
C THR C 420 -15.69 63.20 -2.65
N SER C 421 -15.74 61.94 -2.21
CA SER C 421 -16.17 61.63 -0.85
C SER C 421 -15.36 60.46 -0.30
N LEU C 422 -15.25 60.40 1.03
CA LEU C 422 -14.47 59.34 1.68
C LEU C 422 -15.14 57.98 1.56
N GLY C 423 -16.37 57.88 2.03
CA GLY C 423 -17.15 56.67 1.89
C GLY C 423 -16.83 55.56 2.88
N PHE C 424 -16.24 55.94 4.01
CA PHE C 424 -16.00 54.97 5.09
C PHE C 424 -17.21 54.93 6.01
N ARG C 425 -18.30 54.35 5.52
CA ARG C 425 -19.58 54.42 6.23
C ARG C 425 -19.71 53.49 7.43
N SER C 426 -18.74 52.59 7.59
CA SER C 426 -18.76 51.67 8.74
C SER C 426 -17.66 51.99 9.75
N LEU C 427 -16.75 52.89 9.38
CA LEU C 427 -15.65 53.28 10.25
C LEU C 427 -16.16 53.97 11.51
N LYS C 428 -15.91 53.35 12.65
CA LYS C 428 -16.38 53.89 13.93
C LYS C 428 -15.26 54.21 14.91
N GLU C 429 -14.09 53.60 14.70
CA GLU C 429 -12.97 53.80 15.63
C GLU C 429 -11.60 53.81 14.97
N ILE C 430 -10.82 54.83 15.29
CA ILE C 430 -9.40 54.86 14.95
C ILE C 430 -8.64 54.91 16.27
N SER C 431 -8.20 53.73 16.73
CA SER C 431 -7.70 53.54 18.08
C SER C 431 -6.52 54.43 18.49
N ALA C 432 -5.65 54.75 17.54
CA ALA C 432 -4.48 55.58 17.83
C ALA C 432 -3.88 56.18 16.57
N GLY C 433 -2.99 57.14 16.74
CA GLY C 433 -2.27 57.74 15.63
C GLY C 433 -2.82 59.08 15.19
N ARG C 434 -2.19 59.65 14.17
CA ARG C 434 -2.62 60.94 13.62
C ARG C 434 -3.33 60.72 12.28
N ILE C 435 -4.04 61.76 11.83
CA ILE C 435 -4.78 61.68 10.57
C ILE C 435 -4.33 62.75 9.60
N TYR C 436 -3.97 62.33 8.39
CA TYR C 436 -3.47 63.26 7.37
C TYR C 436 -4.30 63.17 6.09
N ILE C 437 -5.18 64.14 5.88
CA ILE C 437 -6.00 64.20 4.69
C ILE C 437 -5.79 65.53 3.97
N SER C 438 -4.96 65.51 2.93
CA SER C 438 -4.62 66.75 2.23
C SER C 438 -4.40 66.54 0.73
N ALA C 439 -4.42 67.66 0.00
CA ALA C 439 -4.18 67.68 -1.45
C ALA C 439 -5.20 66.90 -2.26
N ASN C 440 -6.33 66.57 -1.64
CA ASN C 440 -7.45 65.99 -2.35
C ASN C 440 -8.40 67.11 -2.77
N ARG C 441 -8.10 67.75 -3.89
CA ARG C 441 -8.72 69.01 -4.29
C ARG C 441 -10.23 68.98 -4.52
N GLN C 442 -10.83 67.80 -4.57
CA GLN C 442 -12.25 67.69 -4.86
C GLN C 442 -12.97 66.86 -3.82
N LEU C 443 -12.27 66.62 -2.71
CA LEU C 443 -12.87 65.94 -1.58
C LEU C 443 -13.80 66.89 -0.84
N CYS C 444 -15.08 66.55 -0.84
CA CYS C 444 -16.08 67.24 -0.01
C CYS C 444 -16.65 66.27 1.04
N TYR C 445 -17.52 66.80 1.91
CA TYR C 445 -18.22 66.06 2.99
C TYR C 445 -17.46 65.92 4.31
N HIS C 446 -16.13 65.99 4.24
CA HIS C 446 -15.28 65.72 5.39
C HIS C 446 -15.16 66.89 6.35
N HIS C 447 -15.65 68.05 5.93
CA HIS C 447 -15.49 69.28 6.69
C HIS C 447 -16.26 69.28 8.01
N SER C 448 -17.46 68.70 8.01
CA SER C 448 -18.35 68.74 9.16
C SER C 448 -18.16 67.55 10.10
N LEU C 449 -17.25 66.66 9.76
CA LEU C 449 -17.06 65.43 10.53
C LEU C 449 -16.41 65.68 11.89
N ASN C 450 -17.02 65.13 12.94
CA ASN C 450 -16.47 65.23 14.28
C ASN C 450 -15.52 64.06 14.57
N TRP C 451 -14.23 64.33 14.47
CA TRP C 451 -13.22 63.28 14.60
C TRP C 451 -13.05 62.79 16.04
N THR C 452 -13.62 63.54 16.98
CA THR C 452 -13.54 63.16 18.40
C THR C 452 -14.27 61.84 18.65
N LYS C 453 -15.37 61.63 17.93
CA LYS C 453 -16.17 60.42 18.09
C LYS C 453 -15.51 59.20 17.43
N VAL C 454 -14.68 59.44 16.42
CA VAL C 454 -14.01 58.36 15.72
C VAL C 454 -12.61 58.12 16.25
N LEU C 455 -11.79 59.18 16.28
CA LEU C 455 -10.42 59.09 16.75
C LEU C 455 -10.38 58.96 18.27
N ARG C 456 -9.75 57.90 18.75
CA ARG C 456 -9.69 57.62 20.18
C ARG C 456 -8.63 58.47 20.87
N GLY C 457 -8.97 59.05 22.02
CA GLY C 457 -8.05 59.86 22.78
C GLY C 457 -8.19 61.34 22.53
N PRO C 458 -7.21 62.13 23.00
CA PRO C 458 -7.19 63.59 22.80
C PRO C 458 -7.01 63.95 21.33
N THR C 459 -7.88 64.80 20.80
CA THR C 459 -7.87 65.13 19.38
C THR C 459 -6.75 66.10 19.00
N GLU C 460 -6.40 66.99 19.93
CA GLU C 460 -5.45 68.08 19.68
C GLU C 460 -4.18 67.70 18.90
N GLU C 461 -3.96 68.44 17.81
CA GLU C 461 -2.75 68.30 16.98
C GLU C 461 -2.57 66.94 16.32
N ARG C 462 -3.59 66.08 16.38
CA ARG C 462 -3.54 64.79 15.74
C ARG C 462 -4.28 64.80 14.40
N LEU C 463 -4.84 65.96 14.06
CA LEU C 463 -5.50 66.14 12.78
C LEU C 463 -4.68 67.06 11.88
N ASP C 464 -4.46 66.61 10.64
CA ASP C 464 -3.74 67.40 9.66
C ASP C 464 -4.56 67.45 8.37
N ILE C 465 -5.71 68.11 8.44
CA ILE C 465 -6.66 68.12 7.35
C ILE C 465 -6.84 69.51 6.74
N LYS C 466 -6.27 69.71 5.55
CA LYS C 466 -6.38 70.98 4.84
C LYS C 466 -6.06 70.81 3.36
N HIS C 467 -6.19 71.90 2.62
CA HIS C 467 -5.89 71.92 1.19
C HIS C 467 -6.72 70.95 0.36
N ASN C 468 -7.95 70.70 0.80
CA ASN C 468 -8.91 69.94 0.03
C ASN C 468 -9.83 70.90 -0.71
N ARG C 469 -10.99 70.43 -1.12
CA ARG C 469 -11.98 71.33 -1.72
C ARG C 469 -12.57 72.20 -0.63
N PRO C 470 -12.52 73.53 -0.82
CA PRO C 470 -12.99 74.50 0.17
C PRO C 470 -14.45 74.29 0.54
N ARG C 471 -14.77 74.54 1.82
CA ARG C 471 -16.11 74.31 2.36
C ARG C 471 -17.17 75.16 1.65
N ARG C 472 -16.75 76.31 1.14
CA ARG C 472 -17.66 77.21 0.44
C ARG C 472 -18.13 76.63 -0.89
N ASP C 473 -17.23 75.95 -1.59
CA ASP C 473 -17.55 75.37 -2.89
C ASP C 473 -18.42 74.13 -2.76
N CYS C 474 -18.25 73.40 -1.66
CA CYS C 474 -19.01 72.17 -1.44
C CYS C 474 -20.47 72.47 -1.14
N VAL C 475 -20.71 73.43 -0.24
CA VAL C 475 -22.06 73.82 0.15
C VAL C 475 -22.82 74.44 -1.02
N ALA C 476 -22.14 75.29 -1.78
CA ALA C 476 -22.76 75.95 -2.92
C ALA C 476 -23.15 74.96 -4.01
N GLU C 477 -22.49 73.81 -4.03
CA GLU C 477 -22.77 72.78 -5.02
C GLU C 477 -23.77 71.76 -4.46
N GLY C 478 -24.14 71.94 -3.20
CA GLY C 478 -25.15 71.09 -2.57
C GLY C 478 -24.58 69.85 -1.91
N LYS C 479 -23.26 69.73 -1.90
CA LYS C 479 -22.61 68.56 -1.33
C LYS C 479 -22.51 68.64 0.19
N VAL C 480 -23.64 68.49 0.86
CA VAL C 480 -23.71 68.54 2.31
C VAL C 480 -24.27 67.23 2.87
N CYS C 481 -24.37 67.16 4.19
CA CYS C 481 -24.84 65.93 4.85
C CYS C 481 -26.35 65.78 4.82
N ASP C 482 -26.81 64.53 4.84
CA ASP C 482 -28.23 64.22 4.80
C ASP C 482 -28.93 64.73 6.06
N PRO C 483 -30.16 65.24 5.91
CA PRO C 483 -30.97 65.76 7.03
C PRO C 483 -31.13 64.77 8.18
N LEU C 484 -31.06 63.47 7.88
CA LEU C 484 -31.21 62.44 8.90
C LEU C 484 -29.92 62.21 9.70
N CYS C 485 -28.83 62.83 9.27
CA CYS C 485 -27.57 62.73 9.99
C CYS C 485 -27.58 63.65 11.21
N SER C 486 -26.88 63.25 12.26
CA SER C 486 -26.76 64.08 13.46
C SER C 486 -25.67 65.12 13.25
N SER C 487 -25.28 65.77 14.34
CA SER C 487 -24.26 66.82 14.29
C SER C 487 -22.86 66.24 14.10
N GLY C 488 -22.75 64.92 14.09
CA GLY C 488 -21.48 64.24 13.94
C GLY C 488 -20.87 64.42 12.57
N GLY C 489 -21.71 64.49 11.54
CA GLY C 489 -21.24 64.66 10.18
C GLY C 489 -21.54 63.46 9.31
N CYS C 490 -20.77 63.32 8.23
CA CYS C 490 -20.97 62.21 7.28
C CYS C 490 -19.74 62.00 6.41
N TRP C 491 -19.69 60.85 5.75
CA TRP C 491 -18.58 60.53 4.86
C TRP C 491 -18.96 60.78 3.41
N GLY C 492 -20.25 60.98 3.16
CA GLY C 492 -20.75 61.24 1.83
C GLY C 492 -22.23 61.57 1.81
N PRO C 493 -22.82 61.66 0.60
CA PRO C 493 -24.23 62.00 0.44
C PRO C 493 -25.15 60.82 0.71
N GLY C 494 -26.30 61.09 1.31
CA GLY C 494 -27.28 60.05 1.59
C GLY C 494 -27.40 59.71 3.06
N PRO C 495 -28.51 59.06 3.44
CA PRO C 495 -28.77 58.68 4.84
C PRO C 495 -27.95 57.48 5.27
N GLY C 496 -27.28 56.83 4.33
CA GLY C 496 -26.47 55.66 4.63
C GLY C 496 -24.99 55.98 4.80
N GLN C 497 -24.68 57.27 4.83
CA GLN C 497 -23.28 57.72 4.93
C GLN C 497 -23.04 58.56 6.19
N CYS C 498 -23.99 58.52 7.12
CA CYS C 498 -23.90 59.32 8.33
C CYS C 498 -22.99 58.68 9.37
N LEU C 499 -22.39 59.51 10.22
CA LEU C 499 -21.59 59.02 11.33
C LEU C 499 -22.54 58.44 12.39
N SER C 500 -23.60 59.20 12.67
CA SER C 500 -24.65 58.74 13.57
C SER C 500 -26.00 59.30 13.12
N CYS C 501 -27.07 58.58 13.41
CA CYS C 501 -28.41 58.97 12.99
C CYS C 501 -29.09 59.86 14.02
N ARG C 502 -30.02 60.69 13.55
CA ARG C 502 -30.80 61.53 14.45
C ARG C 502 -31.84 60.70 15.22
N ASN C 503 -32.48 59.77 14.51
CA ASN C 503 -33.50 58.93 15.11
C ASN C 503 -33.12 57.45 15.17
N TYR C 504 -33.29 56.74 14.05
CA TYR C 504 -33.03 55.32 14.01
C TYR C 504 -32.14 54.92 12.84
N SER C 505 -31.65 53.68 12.87
CA SER C 505 -30.82 53.15 11.79
C SER C 505 -31.29 51.75 11.40
N ARG C 506 -31.28 51.48 10.09
CA ARG C 506 -31.71 50.18 9.58
C ARG C 506 -30.70 49.64 8.58
N GLY C 507 -29.77 48.82 9.08
CA GLY C 507 -28.75 48.21 8.24
C GLY C 507 -27.75 49.21 7.70
N GLY C 508 -27.26 50.09 8.57
CA GLY C 508 -26.27 51.08 8.19
C GLY C 508 -26.88 52.30 7.52
N VAL C 509 -28.20 52.29 7.37
CA VAL C 509 -28.90 53.41 6.74
C VAL C 509 -29.80 54.11 7.76
N CYS C 510 -29.68 55.44 7.85
CA CYS C 510 -30.49 56.21 8.78
C CYS C 510 -31.95 56.28 8.34
N VAL C 511 -32.84 55.92 9.25
CA VAL C 511 -34.27 56.00 8.99
C VAL C 511 -34.97 56.83 10.06
N THR C 512 -36.15 57.34 9.73
CA THR C 512 -36.92 58.16 10.65
C THR C 512 -37.62 57.31 11.70
N HIS C 513 -38.07 56.13 11.29
CA HIS C 513 -38.75 55.20 12.18
C HIS C 513 -38.71 53.79 11.62
N CYS C 514 -38.78 52.80 12.51
CA CYS C 514 -38.81 51.40 12.08
C CYS C 514 -40.21 51.03 11.62
N ASN C 515 -40.36 49.80 11.12
CA ASN C 515 -41.67 49.31 10.71
C ASN C 515 -42.52 48.91 11.91
N PHE C 516 -42.81 49.88 12.78
CA PHE C 516 -43.58 49.62 13.98
C PHE C 516 -45.03 49.28 13.67
N LEU C 517 -45.72 50.21 13.02
CA LEU C 517 -47.15 50.08 12.79
C LEU C 517 -47.49 49.55 11.40
N ASN C 518 -46.57 49.73 10.45
CA ASN C 518 -46.77 49.23 9.10
C ASN C 518 -45.44 48.99 8.37
N GLY C 519 -45.46 48.05 7.42
CA GLY C 519 -44.29 47.72 6.65
C GLY C 519 -43.89 46.27 6.80
N GLU C 520 -43.21 45.74 5.79
CA GLU C 520 -42.74 44.36 5.82
C GLU C 520 -41.24 44.27 5.57
N PRO C 521 -40.51 43.61 6.48
CA PRO C 521 -41.04 42.98 7.70
C PRO C 521 -41.26 43.98 8.84
N ARG C 522 -42.06 43.58 9.82
CA ARG C 522 -42.28 44.40 11.02
C ARG C 522 -41.01 44.43 11.87
N GLU C 523 -40.79 45.54 12.57
CA GLU C 523 -39.55 45.72 13.33
C GLU C 523 -39.77 46.33 14.72
N PHE C 524 -38.77 46.17 15.58
CA PHE C 524 -38.79 46.77 16.91
C PHE C 524 -37.52 47.58 17.16
N ALA C 525 -37.57 48.48 18.13
CA ALA C 525 -36.44 49.36 18.41
C ALA C 525 -35.53 48.82 19.53
N HIS C 526 -34.23 48.88 19.30
CA HIS C 526 -33.25 48.47 20.29
C HIS C 526 -32.01 49.34 20.21
N GLU C 527 -31.93 50.32 21.13
CA GLU C 527 -30.85 51.29 21.15
C GLU C 527 -30.70 52.01 19.81
N ALA C 528 -31.79 52.62 19.36
CA ALA C 528 -31.84 53.39 18.12
C ALA C 528 -31.51 52.56 16.87
N GLU C 529 -31.74 51.26 16.94
CA GLU C 529 -31.51 50.38 15.80
C GLU C 529 -32.74 49.53 15.50
N CYS C 530 -33.00 49.30 14.22
CA CYS C 530 -34.17 48.54 13.79
C CYS C 530 -33.85 47.06 13.58
N PHE C 531 -34.53 46.20 14.32
CA PHE C 531 -34.40 44.76 14.16
C PHE C 531 -35.79 44.19 13.87
N SER C 532 -35.87 43.22 12.98
CA SER C 532 -37.16 42.68 12.57
C SER C 532 -37.76 41.74 13.62
N CYS C 533 -39.08 41.62 13.61
CA CYS C 533 -39.76 40.73 14.54
C CYS C 533 -39.59 39.28 14.08
N HIS C 534 -39.79 38.35 15.00
CA HIS C 534 -39.73 36.94 14.68
C HIS C 534 -40.72 36.67 13.56
N PRO C 535 -40.32 35.87 12.57
CA PRO C 535 -41.36 35.39 11.66
C PRO C 535 -42.31 34.55 12.51
N GLU C 536 -43.58 34.43 12.13
CA GLU C 536 -44.64 33.84 12.98
C GLU C 536 -45.22 34.82 13.97
N CYS C 537 -44.92 36.09 13.82
CA CYS C 537 -45.64 37.08 14.60
C CYS C 537 -46.69 37.61 13.64
N GLN C 538 -47.96 37.56 14.05
CA GLN C 538 -49.01 38.11 13.22
C GLN C 538 -48.88 39.63 13.23
N PRO C 539 -48.71 40.23 12.06
CA PRO C 539 -48.60 41.69 11.95
C PRO C 539 -49.87 42.38 12.43
N MET C 540 -49.74 43.25 13.42
CA MET C 540 -50.89 43.94 14.00
C MET C 540 -51.23 45.21 13.23
N GLU C 541 -52.51 45.40 12.93
CA GLU C 541 -52.95 46.61 12.23
C GLU C 541 -53.12 47.78 13.19
N GLY C 542 -52.25 48.77 13.07
CA GLY C 542 -52.31 49.97 13.89
C GLY C 542 -51.76 49.77 15.29
N THR C 543 -51.03 48.67 15.49
CA THR C 543 -50.46 48.36 16.80
C THR C 543 -49.08 47.70 16.63
N ALA C 544 -48.26 47.79 17.67
CA ALA C 544 -46.93 47.19 17.66
C ALA C 544 -47.00 45.67 17.57
N THR C 545 -46.13 45.10 16.75
CA THR C 545 -46.12 43.65 16.54
C THR C 545 -45.33 42.91 17.61
N CYS C 546 -44.16 43.43 17.95
CA CYS C 546 -43.30 42.80 18.95
C CYS C 546 -42.55 43.85 19.77
N ASN C 547 -42.12 43.45 20.96
CA ASN C 547 -41.32 44.33 21.82
C ASN C 547 -39.85 43.94 21.75
N GLY C 548 -39.57 42.79 21.14
CA GLY C 548 -38.21 42.33 20.97
C GLY C 548 -38.12 41.16 20.01
N SER C 549 -36.94 40.59 19.86
CA SER C 549 -36.76 39.42 19.01
C SER C 549 -37.05 38.15 19.78
N GLY C 550 -37.70 37.19 19.12
CA GLY C 550 -38.08 35.95 19.76
C GLY C 550 -39.55 35.66 19.61
N SER C 551 -39.90 34.38 19.61
CA SER C 551 -41.29 33.95 19.40
C SER C 551 -42.19 34.27 20.59
N ASP C 552 -41.58 34.59 21.72
CA ASP C 552 -42.34 34.86 22.95
C ASP C 552 -42.65 36.35 23.14
N THR C 553 -42.12 37.18 22.26
CA THR C 553 -42.33 38.63 22.36
C THR C 553 -43.36 39.13 21.35
N CYS C 554 -44.07 38.21 20.72
CA CYS C 554 -45.07 38.59 19.72
C CYS C 554 -46.38 39.01 20.38
N ALA C 555 -47.09 39.93 19.73
CA ALA C 555 -48.39 40.37 20.22
C ALA C 555 -49.46 39.35 19.84
N GLN C 556 -49.22 38.62 18.76
CA GLN C 556 -50.14 37.60 18.28
C GLN C 556 -49.43 36.65 17.33
N CYS C 557 -49.73 35.36 17.44
CA CYS C 557 -49.05 34.34 16.64
C CYS C 557 -49.67 34.17 15.26
N ALA C 558 -48.82 34.00 14.25
CA ALA C 558 -49.27 33.84 12.88
C ALA C 558 -49.86 32.45 12.65
N HIS C 559 -49.17 31.42 13.15
CA HIS C 559 -49.62 30.05 12.98
C HIS C 559 -50.20 29.48 14.27
N PHE C 560 -49.34 28.97 15.14
CA PHE C 560 -49.80 28.37 16.40
C PHE C 560 -49.06 28.94 17.61
N ARG C 561 -49.54 28.62 18.79
CA ARG C 561 -48.91 29.05 20.04
C ARG C 561 -48.64 27.86 20.95
N ASP C 562 -47.39 27.71 21.37
CA ASP C 562 -47.01 26.64 22.30
C ASP C 562 -46.42 27.24 23.57
N GLY C 563 -47.23 27.34 24.62
CA GLY C 563 -46.82 27.97 25.84
C GLY C 563 -46.79 29.48 25.68
N PRO C 564 -45.61 30.09 25.85
CA PRO C 564 -45.46 31.53 25.64
C PRO C 564 -44.91 31.85 24.25
N HIS C 565 -44.49 30.83 23.51
CA HIS C 565 -43.88 31.03 22.19
C HIS C 565 -44.85 30.81 21.05
N CYS C 566 -44.52 31.38 19.88
CA CYS C 566 -45.26 31.14 18.65
C CYS C 566 -44.48 30.15 17.78
N VAL C 567 -45.16 29.14 17.25
CA VAL C 567 -44.50 28.08 16.48
C VAL C 567 -45.23 27.81 15.17
N SER C 568 -44.47 27.45 14.13
CA SER C 568 -45.05 27.15 12.83
C SER C 568 -45.86 25.86 12.85
N SER C 569 -45.31 24.86 13.53
CA SER C 569 -45.92 23.53 13.57
C SER C 569 -45.99 23.04 15.00
N CYS C 570 -47.12 22.44 15.36
CA CYS C 570 -47.31 21.90 16.69
C CYS C 570 -46.35 20.72 16.87
N PRO C 571 -45.79 20.58 18.08
CA PRO C 571 -44.83 19.51 18.42
C PRO C 571 -45.35 18.14 18.02
N HIS C 572 -44.65 17.49 17.08
CA HIS C 572 -45.10 16.20 16.56
C HIS C 572 -44.03 15.13 16.69
N GLY C 573 -43.59 14.88 17.93
CA GLY C 573 -42.64 13.82 18.20
C GLY C 573 -41.30 14.27 18.72
N VAL C 574 -41.24 15.49 19.24
CA VAL C 574 -40.00 16.02 19.79
C VAL C 574 -39.63 15.30 21.08
N LEU C 575 -38.46 14.67 21.07
CA LEU C 575 -38.01 13.85 22.20
C LEU C 575 -37.64 14.68 23.42
N GLY C 576 -38.18 14.28 24.57
CA GLY C 576 -37.89 14.96 25.82
C GLY C 576 -36.99 14.14 26.73
N ALA C 577 -37.24 14.22 28.03
CA ALA C 577 -36.44 13.51 29.01
C ALA C 577 -36.82 12.04 29.10
N LYS C 578 -38.11 11.76 29.05
CA LYS C 578 -38.61 10.39 29.15
C LYS C 578 -39.59 10.05 28.03
N GLY C 579 -39.11 10.08 26.79
CA GLY C 579 -39.91 9.73 25.64
C GLY C 579 -40.27 10.91 24.77
N PRO C 580 -40.86 10.64 23.59
CA PRO C 580 -41.29 11.67 22.64
C PRO C 580 -42.48 12.47 23.17
N ILE C 581 -42.73 13.63 22.58
CA ILE C 581 -43.82 14.49 23.01
C ILE C 581 -44.67 14.97 21.84
N TYR C 582 -45.96 14.65 21.89
CA TYR C 582 -46.88 14.98 20.81
C TYR C 582 -47.95 15.96 21.29
N LYS C 583 -48.33 16.89 20.40
CA LYS C 583 -49.34 17.89 20.72
C LYS C 583 -50.26 18.18 19.53
N TYR C 584 -51.43 18.73 19.82
CA TYR C 584 -52.39 19.09 18.76
C TYR C 584 -52.82 20.55 18.91
N PRO C 585 -53.17 21.19 17.78
CA PRO C 585 -53.68 22.56 17.82
C PRO C 585 -55.19 22.59 18.02
N ASP C 586 -55.65 23.25 19.07
CA ASP C 586 -57.09 23.31 19.35
C ASP C 586 -57.78 24.40 18.52
N VAL C 587 -59.02 24.71 18.88
CA VAL C 587 -59.82 25.67 18.14
C VAL C 587 -59.25 27.09 18.19
N GLN C 588 -58.46 27.38 19.24
CA GLN C 588 -57.84 28.69 19.38
C GLN C 588 -56.38 28.65 18.94
N ASN C 589 -56.05 27.66 18.11
CA ASN C 589 -54.70 27.50 17.56
C ASN C 589 -53.58 27.33 18.58
N GLU C 590 -53.95 27.06 19.83
CA GLU C 590 -52.97 26.84 20.89
C GLU C 590 -52.66 25.35 21.00
N CYS C 591 -51.39 25.03 21.25
CA CYS C 591 -50.96 23.64 21.31
C CYS C 591 -51.22 22.99 22.67
N ARG C 592 -52.07 21.97 22.68
CA ARG C 592 -52.40 21.23 23.89
C ARG C 592 -51.83 19.81 23.83
N PRO C 593 -51.51 19.23 24.99
CA PRO C 593 -50.94 17.88 25.05
C PRO C 593 -51.94 16.79 24.65
N CYS C 594 -51.43 15.63 24.25
CA CYS C 594 -52.27 14.52 23.83
C CYS C 594 -52.59 13.59 25.00
N HIS C 595 -53.36 12.55 24.73
CA HIS C 595 -53.74 11.56 25.73
C HIS C 595 -52.51 10.73 26.12
N GLU C 596 -52.45 10.31 27.38
CA GLU C 596 -51.28 9.62 27.91
C GLU C 596 -51.07 8.24 27.30
N ASN C 597 -52.13 7.66 26.73
CA ASN C 597 -52.06 6.33 26.15
C ASN C 597 -51.92 6.32 24.62
N CYS C 598 -51.67 7.49 24.04
CA CYS C 598 -51.50 7.60 22.59
C CYS C 598 -50.08 7.22 22.16
N THR C 599 -49.98 6.59 21.00
CA THR C 599 -48.72 6.02 20.53
C THR C 599 -47.92 6.96 19.63
N GLN C 600 -48.55 7.42 18.56
CA GLN C 600 -47.85 8.18 17.53
C GLN C 600 -48.47 9.54 17.20
N GLY C 601 -49.75 9.55 16.86
CA GLY C 601 -50.42 10.77 16.43
C GLY C 601 -51.34 11.38 17.47
N CYS C 602 -51.93 12.52 17.14
CA CYS C 602 -52.82 13.21 18.07
C CYS C 602 -54.21 13.53 17.54
N LYS C 603 -54.30 14.48 16.61
CA LYS C 603 -55.57 15.01 16.10
C LYS C 603 -56.38 15.79 17.15
N GLY C 604 -56.66 15.15 18.28
CA GLY C 604 -57.43 15.78 19.34
C GLY C 604 -56.99 15.35 20.73
N PRO C 605 -57.73 15.78 21.75
CA PRO C 605 -57.42 15.47 23.16
C PRO C 605 -57.90 14.08 23.59
N GLU C 606 -58.96 13.59 22.97
CA GLU C 606 -59.54 12.31 23.36
C GLU C 606 -58.75 11.12 22.79
N LEU C 607 -58.93 9.96 23.41
CA LEU C 607 -58.21 8.75 23.03
C LEU C 607 -58.58 8.31 21.61
N GLN C 608 -59.80 8.62 21.19
CA GLN C 608 -60.32 8.19 19.90
C GLN C 608 -59.66 8.89 18.72
N ASP C 609 -58.96 9.98 18.99
CA ASP C 609 -58.36 10.78 17.92
C ASP C 609 -56.94 10.34 17.56
N CYS C 610 -56.38 9.41 18.34
CA CYS C 610 -55.00 8.97 18.19
C CYS C 610 -54.60 8.57 16.77
N LEU C 611 -53.37 8.90 16.41
CA LEU C 611 -52.79 8.63 15.09
C LEU C 611 -53.73 8.99 13.94
C1 NAG D . -18.70 56.09 -5.48
C2 NAG D . -20.05 56.81 -5.77
C3 NAG D . -20.75 56.31 -7.04
C4 NAG D . -19.79 55.86 -8.17
C5 NAG D . -18.53 55.11 -7.62
C6 NAG D . -17.54 54.93 -8.78
C7 NAG D . -21.22 57.94 -3.88
C8 NAG D . -22.08 57.74 -2.66
N2 NAG D . -20.87 56.77 -4.56
O3 NAG D . -21.73 57.14 -7.55
O4 NAG D . -20.48 54.92 -8.94
O5 NAG D . -17.91 55.93 -6.65
O6 NAG D . -16.85 56.13 -8.97
O7 NAG D . -20.84 59.05 -4.25
C1 NAG D . -20.86 55.46 -10.23
C2 NAG D . -21.31 54.31 -11.17
C3 NAG D . -21.76 54.80 -12.57
C4 NAG D . -22.34 56.23 -12.60
C5 NAG D . -21.70 57.21 -11.56
C6 NAG D . -22.60 58.46 -11.47
C7 NAG D . -20.41 52.10 -10.47
C8 NAG D . -19.25 51.14 -10.61
N2 NAG D . -20.27 53.28 -11.20
O3 NAG D . -22.57 53.92 -13.27
O4 NAG D . -21.98 56.76 -13.85
O5 NAG D . -21.72 56.58 -10.29
O6 NAG D . -22.00 59.36 -10.59
O7 NAG D . -21.38 51.87 -9.76
C1 NAG E . -18.16 -0.28 26.16
C2 NAG E . -17.55 -1.70 26.02
C3 NAG E . -16.99 -2.24 27.36
C4 NAG E . -16.42 -1.16 28.31
C5 NAG E . -17.21 0.19 28.26
C6 NAG E . -16.36 1.26 28.99
C7 NAG E . -18.39 -2.93 24.04
C8 NAG E . -19.47 -3.86 23.53
N2 NAG E . -18.52 -2.58 25.39
O3 NAG E . -16.09 -3.29 27.23
O4 NAG E . -16.63 -1.65 29.61
O5 NAG E . -17.33 0.59 26.91
O6 NAG E . -17.12 2.43 29.07
O7 NAG E . -17.47 -2.51 23.34
C1 NAG F . -14.37 33.15 -1.02
C2 NAG F . -13.67 31.83 -1.43
C3 NAG F . -14.49 31.02 -2.45
C4 NAG F . -16.03 31.17 -2.32
C5 NAG F . -16.49 32.57 -1.81
C6 NAG F . -17.97 32.45 -1.34
C7 NAG F . -11.21 31.76 -1.06
C8 NAG F . -9.85 32.12 -1.64
N2 NAG F . -12.29 32.12 -1.86
O3 NAG F . -14.14 29.68 -2.55
O4 NAG F . -16.53 31.09 -3.63
O5 NAG F . -15.71 32.95 -0.69
O6 NAG F . -18.41 33.72 -0.96
O7 NAG F . -11.34 31.21 0.02
C1 NAG G . -19.98 43.77 3.53
C2 NAG G . -20.36 44.08 2.05
C3 NAG G . -21.26 43.01 1.40
C4 NAG G . -21.10 41.58 1.99
C5 NAG G . -20.71 41.54 3.49
C6 NAG G . -20.23 40.10 3.83
C7 NAG G . -20.63 46.24 0.86
C8 NAG G . -21.29 47.60 0.92
N2 NAG G . -20.91 45.43 1.97
O3 NAG G . -21.23 42.98 0.02
O4 NAG G . -22.37 41.00 1.92
O5 NAG G . -19.63 42.42 3.72
O6 NAG G . -20.13 40.01 5.22
O7 NAG G . -19.92 45.88 -0.06
C1 NAG H . -11.27 63.30 -12.44
C2 NAG H . -10.17 64.20 -13.06
C3 NAG H . -10.42 64.50 -14.53
C4 NAG H . -11.09 63.35 -15.33
C5 NAG H . -12.09 62.48 -14.49
C6 NAG H . -12.36 61.16 -15.26
C7 NAG H . -8.75 65.58 -11.56
C8 NAG H . -8.65 66.85 -10.75
N2 NAG H . -9.97 65.39 -12.23
O3 NAG H . -9.30 64.98 -15.22
O4 NAG H . -11.88 63.97 -16.29
O5 NAG H . -11.51 62.16 -13.25
O6 NAG H . -13.14 60.34 -14.45
O7 NAG H . -7.84 64.77 -11.64
C1 NAG I . -54.38 4.06 29.89
C2 NAG I . -53.37 3.18 30.68
C3 NAG I . -53.80 2.97 32.15
C4 NAG I . -54.57 4.16 32.78
C5 NAG I . -55.48 4.93 31.78
C6 NAG I . -55.88 6.27 32.43
C7 NAG I . -51.83 1.62 29.52
C8 NAG I . -51.71 0.31 28.77
N2 NAG I . -53.12 1.94 29.94
O3 NAG I . -52.79 2.53 32.99
O4 NAG I . -55.43 3.60 33.72
O5 NAG I . -54.76 5.21 30.60
O6 NAG I . -56.65 6.99 31.50
O7 NAG I . -50.87 2.34 29.74
#